data_2MA2
#
_entry.id   2MA2
#
_entity_poly.entity_id   1
_entity_poly.type   'polypeptide(L)'
_entity_poly.pdbx_seq_one_letter_code
;KLDQALVVEHIEKMVESVFRNFDVDGDGHISQEEFQIIRGNFPYLSAFGDLDQNQDGCISREEMVSYFLRSSSVLGGRMG
F
;
_entity_poly.pdbx_strand_id   A
#
# COMPACT_ATOMS: atom_id res chain seq x y z
N LYS A 1 -14.61 -23.89 3.23
CA LYS A 1 -14.65 -22.93 2.11
C LYS A 1 -13.31 -22.22 1.94
N LEU A 2 -12.97 -21.87 0.71
CA LEU A 2 -11.72 -21.19 0.42
C LEU A 2 -11.94 -19.70 0.19
N ASP A 3 -11.04 -18.88 0.72
CA ASP A 3 -11.13 -17.43 0.58
C ASP A 3 -10.25 -16.93 -0.55
N GLN A 4 -9.70 -17.87 -1.32
CA GLN A 4 -8.83 -17.54 -2.46
C GLN A 4 -9.41 -16.40 -3.30
N ALA A 5 -10.62 -16.59 -3.80
CA ALA A 5 -11.28 -15.58 -4.63
C ALA A 5 -11.64 -14.35 -3.82
N LEU A 6 -12.03 -14.57 -2.56
CA LEU A 6 -12.43 -13.49 -1.66
C LEU A 6 -11.30 -12.47 -1.47
N VAL A 7 -10.14 -12.98 -1.07
CA VAL A 7 -8.98 -12.12 -0.79
C VAL A 7 -8.25 -11.72 -2.06
N VAL A 8 -8.38 -12.52 -3.13
CA VAL A 8 -7.74 -12.18 -4.39
C VAL A 8 -8.32 -10.87 -4.91
N GLU A 9 -9.64 -10.78 -4.88
CA GLU A 9 -10.34 -9.57 -5.30
C GLU A 9 -10.19 -8.47 -4.25
N HIS A 10 -10.13 -8.87 -2.97
CA HIS A 10 -9.97 -7.91 -1.89
C HIS A 10 -8.57 -7.30 -1.88
N ILE A 11 -7.57 -8.14 -2.16
CA ILE A 11 -6.19 -7.68 -2.18
C ILE A 11 -5.95 -6.76 -3.37
N GLU A 12 -6.33 -7.21 -4.56
CA GLU A 12 -6.14 -6.42 -5.77
C GLU A 12 -6.84 -5.07 -5.63
N LYS A 13 -8.07 -5.11 -5.09
CA LYS A 13 -8.85 -3.91 -4.87
C LYS A 13 -8.27 -3.09 -3.72
N MET A 14 -7.54 -3.76 -2.82
CA MET A 14 -6.90 -3.10 -1.69
C MET A 14 -5.75 -2.21 -2.15
N VAL A 15 -4.86 -2.79 -2.96
CA VAL A 15 -3.72 -2.04 -3.49
C VAL A 15 -4.21 -0.91 -4.39
N GLU A 16 -5.27 -1.19 -5.16
CA GLU A 16 -5.87 -0.20 -6.03
C GLU A 16 -6.61 0.86 -5.22
N SER A 17 -7.18 0.44 -4.08
CA SER A 17 -7.93 1.35 -3.21
C SER A 17 -7.01 2.35 -2.53
N VAL A 18 -5.84 1.87 -2.09
CA VAL A 18 -4.87 2.72 -1.42
C VAL A 18 -4.14 3.61 -2.43
N PHE A 19 -3.78 3.01 -3.57
CA PHE A 19 -3.07 3.73 -4.62
C PHE A 19 -3.89 4.93 -5.11
N ARG A 20 -5.19 4.74 -5.25
CA ARG A 20 -6.08 5.81 -5.69
C ARG A 20 -6.55 6.65 -4.50
N ASN A 21 -6.59 6.02 -3.32
CA ASN A 21 -7.03 6.69 -2.10
C ASN A 21 -6.14 7.89 -1.77
N PHE A 22 -4.82 7.69 -1.89
CA PHE A 22 -3.87 8.75 -1.58
C PHE A 22 -3.47 9.52 -2.84
N ASP A 23 -4.00 9.10 -3.99
CA ASP A 23 -3.68 9.76 -5.25
C ASP A 23 -4.94 10.32 -5.91
N VAL A 24 -5.69 11.13 -5.17
CA VAL A 24 -6.92 11.73 -5.67
C VAL A 24 -6.61 12.92 -6.60
N ASP A 25 -5.34 13.32 -6.63
CA ASP A 25 -4.92 14.44 -7.47
C ASP A 25 -4.45 13.96 -8.84
N GLY A 26 -4.41 12.64 -9.03
CA GLY A 26 -3.98 12.07 -10.29
C GLY A 26 -2.56 12.43 -10.63
N ASP A 27 -1.65 12.21 -9.69
CA ASP A 27 -0.24 12.53 -9.88
C ASP A 27 0.58 11.26 -10.15
N GLY A 28 0.02 10.11 -9.83
CA GLY A 28 0.71 8.84 -10.03
C GLY A 28 1.59 8.48 -8.85
N HIS A 29 1.82 9.45 -7.96
CA HIS A 29 2.63 9.23 -6.77
C HIS A 29 1.99 9.91 -5.56
N ILE A 30 2.30 9.38 -4.36
CA ILE A 30 1.73 9.93 -3.13
C ILE A 30 2.58 11.09 -2.62
N SER A 31 2.10 12.31 -2.92
CA SER A 31 2.79 13.52 -2.48
C SER A 31 2.82 13.63 -0.95
N GLN A 32 3.85 14.28 -0.44
CA GLN A 32 4.01 14.45 1.01
C GLN A 32 2.78 15.11 1.64
N GLU A 33 2.19 16.07 0.93
CA GLU A 33 1.02 16.79 1.43
C GLU A 33 -0.18 15.84 1.62
N GLU A 34 -0.36 14.91 0.68
CA GLU A 34 -1.46 13.95 0.75
C GLU A 34 -1.37 13.14 2.04
N PHE A 35 -0.26 12.42 2.20
CA PHE A 35 -0.03 11.61 3.39
C PHE A 35 0.08 12.49 4.63
N GLN A 36 0.46 13.75 4.42
CA GLN A 36 0.62 14.72 5.48
C GLN A 36 -0.68 14.91 6.27
N ILE A 37 -1.74 15.29 5.55
CA ILE A 37 -3.04 15.54 6.17
C ILE A 37 -3.82 14.25 6.43
N ILE A 38 -3.65 13.26 5.55
CA ILE A 38 -4.35 11.98 5.69
C ILE A 38 -3.93 11.25 6.96
N ARG A 39 -2.65 11.32 7.30
CA ARG A 39 -2.12 10.67 8.50
C ARG A 39 -2.76 11.25 9.76
N GLY A 40 -3.28 12.47 9.66
CA GLY A 40 -3.91 13.11 10.80
C GLY A 40 -5.18 12.41 11.24
N ASN A 41 -5.81 11.67 10.32
CA ASN A 41 -7.03 10.95 10.62
C ASN A 41 -6.83 9.44 10.49
N PHE A 42 -5.68 9.04 9.94
CA PHE A 42 -5.37 7.63 9.75
C PHE A 42 -4.01 7.29 10.34
N PRO A 43 -3.91 7.22 11.68
CA PRO A 43 -2.66 6.90 12.39
C PRO A 43 -2.32 5.40 12.33
N TYR A 44 -3.16 4.63 11.65
CA TYR A 44 -2.96 3.18 11.53
C TYR A 44 -1.94 2.85 10.44
N LEU A 45 -1.36 3.89 9.83
CA LEU A 45 -0.37 3.69 8.78
C LEU A 45 1.04 3.93 9.31
N SER A 46 2.02 3.27 8.68
CA SER A 46 3.42 3.39 9.09
C SER A 46 4.00 4.74 8.64
N ALA A 47 5.30 4.91 8.87
CA ALA A 47 5.99 6.15 8.51
C ALA A 47 6.49 6.13 7.07
N PHE A 48 6.69 7.32 6.51
CA PHE A 48 7.18 7.46 5.13
C PHE A 48 8.42 6.61 4.89
N GLY A 49 9.33 6.61 5.88
CA GLY A 49 10.57 5.85 5.76
C GLY A 49 10.34 4.36 5.63
N ASP A 50 9.22 3.87 6.16
CA ASP A 50 8.91 2.43 6.10
C ASP A 50 8.16 2.08 4.82
N LEU A 51 7.32 3.00 4.33
CA LEU A 51 6.57 2.77 3.10
C LEU A 51 7.47 2.97 1.88
N ASP A 52 8.38 3.94 1.98
CA ASP A 52 9.31 4.24 0.90
C ASP A 52 10.76 4.16 1.40
N GLN A 53 11.50 3.19 0.87
CA GLN A 53 12.89 2.98 1.28
C GLN A 53 13.78 4.15 0.83
N ASN A 54 13.45 4.73 -0.33
CA ASN A 54 14.22 5.85 -0.86
C ASN A 54 13.86 7.17 -0.17
N GLN A 55 12.80 7.13 0.65
CA GLN A 55 12.34 8.32 1.37
C GLN A 55 12.06 9.48 0.42
N ASP A 56 11.48 9.17 -0.74
CA ASP A 56 11.16 10.19 -1.74
C ASP A 56 9.89 10.94 -1.37
N GLY A 57 9.27 10.58 -0.25
CA GLY A 57 8.03 11.22 0.15
C GLY A 57 6.91 10.91 -0.82
N CYS A 58 7.14 9.89 -1.64
CA CYS A 58 6.19 9.46 -2.65
C CYS A 58 6.06 7.94 -2.67
N ILE A 59 4.84 7.44 -2.65
CA ILE A 59 4.60 6.00 -2.65
C ILE A 59 4.17 5.52 -4.03
N SER A 60 4.91 4.54 -4.55
CA SER A 60 4.62 3.97 -5.87
C SER A 60 3.94 2.61 -5.74
N ARG A 61 3.55 2.03 -6.88
CA ARG A 61 2.89 0.73 -6.89
C ARG A 61 3.77 -0.34 -6.26
N GLU A 62 5.06 -0.32 -6.60
CA GLU A 62 6.01 -1.29 -6.05
C GLU A 62 6.15 -1.13 -4.53
N GLU A 63 5.94 0.07 -4.02
CA GLU A 63 6.01 0.32 -2.59
C GLU A 63 4.82 -0.30 -1.86
N MET A 64 3.61 -0.07 -2.38
CA MET A 64 2.40 -0.62 -1.79
C MET A 64 2.33 -2.13 -2.01
N VAL A 65 2.59 -2.57 -3.25
CA VAL A 65 2.58 -3.99 -3.56
C VAL A 65 3.61 -4.74 -2.71
N SER A 66 4.85 -4.27 -2.75
CA SER A 66 5.92 -4.87 -1.96
C SER A 66 5.55 -4.86 -0.49
N TYR A 67 4.82 -3.83 -0.07
CA TYR A 67 4.35 -3.70 1.30
C TYR A 67 3.29 -4.76 1.61
N PHE A 68 2.53 -5.18 0.60
CA PHE A 68 1.50 -6.19 0.79
C PHE A 68 2.15 -7.58 0.92
N LEU A 69 3.16 -7.82 0.11
CA LEU A 69 3.91 -9.08 0.17
C LEU A 69 4.98 -9.01 1.25
N ARG A 70 5.33 -7.80 1.66
CA ARG A 70 6.32 -7.60 2.72
C ARG A 70 5.75 -7.97 4.08
N SER A 71 4.59 -7.39 4.40
CA SER A 71 3.92 -7.64 5.68
C SER A 71 2.97 -8.84 5.59
N SER A 72 3.18 -9.67 4.56
CA SER A 72 2.34 -10.86 4.36
C SER A 72 2.88 -12.05 5.14
N SER A 73 2.00 -12.70 5.89
CA SER A 73 2.39 -13.87 6.69
C SER A 73 2.09 -15.17 5.93
N VAL A 74 1.41 -16.09 6.60
CA VAL A 74 1.07 -17.38 5.99
C VAL A 74 0.10 -17.20 4.82
N LEU A 75 -1.00 -16.48 5.08
CA LEU A 75 -2.00 -16.23 4.05
C LEU A 75 -2.37 -14.75 4.00
N GLY A 76 -2.52 -14.14 5.18
CA GLY A 76 -2.88 -12.73 5.25
C GLY A 76 -1.74 -11.88 5.77
N GLY A 77 -1.83 -11.47 7.03
CA GLY A 77 -0.80 -10.64 7.62
C GLY A 77 -1.25 -9.98 8.91
N ARG A 78 -1.67 -10.80 9.88
CA ARG A 78 -2.13 -10.28 11.17
C ARG A 78 -1.39 -10.99 12.32
N MET A 79 -1.18 -10.25 13.40
CA MET A 79 -0.50 -10.79 14.57
C MET A 79 -1.37 -10.67 15.82
N GLY A 80 -2.03 -9.52 15.98
CA GLY A 80 -2.89 -9.30 17.12
C GLY A 80 -2.53 -8.04 17.88
N PHE A 81 -2.69 -6.89 17.23
CA PHE A 81 -2.38 -5.60 17.85
C PHE A 81 -3.57 -4.66 17.74
N LYS A 1 -13.92 -16.59 5.00
CA LYS A 1 -12.68 -16.30 5.75
C LYS A 1 -11.44 -16.53 4.90
N LEU A 2 -11.46 -17.61 4.12
CA LEU A 2 -10.33 -17.95 3.25
C LEU A 2 -10.84 -18.48 1.90
N ASP A 3 -10.63 -17.69 0.85
CA ASP A 3 -11.06 -18.07 -0.49
C ASP A 3 -10.19 -17.40 -1.55
N GLN A 4 -9.64 -18.22 -2.46
CA GLN A 4 -8.78 -17.73 -3.53
C GLN A 4 -9.41 -16.54 -4.27
N ALA A 5 -10.62 -16.73 -4.78
CA ALA A 5 -11.32 -15.68 -5.53
C ALA A 5 -11.63 -14.48 -4.66
N LEU A 6 -12.05 -14.75 -3.42
CA LEU A 6 -12.41 -13.69 -2.46
C LEU A 6 -11.25 -12.72 -2.24
N VAL A 7 -10.10 -13.27 -1.88
CA VAL A 7 -8.93 -12.46 -1.56
C VAL A 7 -8.19 -11.99 -2.82
N VAL A 8 -8.38 -12.70 -3.93
CA VAL A 8 -7.76 -12.30 -5.19
C VAL A 8 -8.32 -10.94 -5.60
N GLU A 9 -9.64 -10.84 -5.56
CA GLU A 9 -10.32 -9.60 -5.88
C GLU A 9 -10.13 -8.56 -4.77
N HIS A 10 -10.04 -9.05 -3.52
CA HIS A 10 -9.86 -8.16 -2.38
C HIS A 10 -8.44 -7.57 -2.37
N ILE A 11 -7.46 -8.40 -2.73
CA ILE A 11 -6.07 -7.95 -2.76
C ILE A 11 -5.85 -6.95 -3.89
N GLU A 12 -6.25 -7.33 -5.11
CA GLU A 12 -6.09 -6.46 -6.25
C GLU A 12 -6.78 -5.12 -6.02
N LYS A 13 -7.99 -5.20 -5.47
CA LYS A 13 -8.78 -4.01 -5.16
C LYS A 13 -8.18 -3.28 -3.96
N MET A 14 -7.42 -4.00 -3.13
CA MET A 14 -6.78 -3.42 -1.96
C MET A 14 -5.65 -2.48 -2.37
N VAL A 15 -4.75 -2.98 -3.22
CA VAL A 15 -3.63 -2.19 -3.70
C VAL A 15 -4.14 -1.01 -4.53
N GLU A 16 -5.19 -1.26 -5.32
CA GLU A 16 -5.81 -0.23 -6.13
C GLU A 16 -6.60 0.75 -5.25
N SER A 17 -7.15 0.25 -4.14
CA SER A 17 -7.94 1.06 -3.23
C SER A 17 -7.07 2.09 -2.52
N VAL A 18 -5.89 1.64 -2.07
CA VAL A 18 -4.96 2.52 -1.36
C VAL A 18 -4.26 3.46 -2.34
N PHE A 19 -3.86 2.92 -3.50
CA PHE A 19 -3.18 3.71 -4.52
C PHE A 19 -4.04 4.90 -4.94
N ARG A 20 -5.34 4.68 -5.10
CA ARG A 20 -6.25 5.74 -5.47
C ARG A 20 -6.77 6.48 -4.24
N ASN A 21 -6.75 5.80 -3.09
CA ASN A 21 -7.17 6.40 -1.83
C ASN A 21 -6.33 7.64 -1.51
N PHE A 22 -5.03 7.53 -1.78
CA PHE A 22 -4.11 8.62 -1.52
C PHE A 22 -3.90 9.49 -2.77
N ASP A 23 -4.28 8.97 -3.93
CA ASP A 23 -4.12 9.72 -5.18
C ASP A 23 -5.42 10.38 -5.60
N VAL A 24 -6.01 11.17 -4.70
CA VAL A 24 -7.24 11.89 -4.98
C VAL A 24 -7.02 13.02 -6.00
N ASP A 25 -5.75 13.33 -6.25
CA ASP A 25 -5.40 14.38 -7.22
C ASP A 25 -5.27 13.82 -8.62
N GLY A 26 -5.19 12.49 -8.72
CA GLY A 26 -5.05 11.85 -10.02
C GLY A 26 -3.67 12.01 -10.62
N ASP A 27 -2.65 11.92 -9.76
CA ASP A 27 -1.26 12.08 -10.21
C ASP A 27 -0.62 10.73 -10.47
N GLY A 28 -1.22 9.67 -9.95
CA GLY A 28 -0.68 8.33 -10.13
C GLY A 28 0.33 7.97 -9.07
N HIS A 29 0.69 8.96 -8.24
CA HIS A 29 1.66 8.76 -7.17
C HIS A 29 1.29 9.60 -5.95
N ILE A 30 1.86 9.25 -4.80
CA ILE A 30 1.58 9.96 -3.56
C ILE A 30 2.36 11.27 -3.49
N SER A 31 1.67 12.31 -3.05
CA SER A 31 2.27 13.64 -2.94
C SER A 31 2.54 13.99 -1.48
N GLN A 32 3.60 14.76 -1.24
CA GLN A 32 3.98 15.17 0.10
C GLN A 32 2.80 15.77 0.87
N GLU A 33 2.07 16.68 0.21
CA GLU A 33 0.92 17.33 0.83
C GLU A 33 -0.19 16.33 1.11
N GLU A 34 -0.36 15.36 0.21
CA GLU A 34 -1.39 14.33 0.38
C GLU A 34 -1.15 13.54 1.66
N PHE A 35 0.02 12.91 1.74
CA PHE A 35 0.40 12.13 2.92
C PHE A 35 0.53 13.03 4.15
N GLN A 36 0.79 14.32 3.90
CA GLN A 36 0.93 15.30 4.97
C GLN A 36 -0.34 15.41 5.80
N ILE A 37 -1.45 15.73 5.12
CA ILE A 37 -2.73 15.89 5.78
C ILE A 37 -3.37 14.55 6.14
N ILE A 38 -3.13 13.53 5.32
CA ILE A 38 -3.70 12.20 5.57
C ILE A 38 -3.13 11.60 6.86
N ARG A 39 -1.81 11.57 6.99
CA ARG A 39 -1.15 11.03 8.18
C ARG A 39 -1.65 11.71 9.45
N GLY A 40 -1.99 13.00 9.34
CA GLY A 40 -2.48 13.75 10.49
C GLY A 40 -3.83 13.26 10.96
N ASN A 41 -4.64 12.76 10.02
CA ASN A 41 -5.97 12.25 10.35
C ASN A 41 -5.94 10.75 10.58
N PHE A 42 -4.89 10.09 10.10
CA PHE A 42 -4.74 8.65 10.26
C PHE A 42 -3.53 8.32 11.13
N PRO A 43 -3.68 8.36 12.46
CA PRO A 43 -2.60 8.06 13.42
C PRO A 43 -2.24 6.58 13.44
N TYR A 44 -3.06 5.75 12.79
CA TYR A 44 -2.83 4.32 12.74
C TYR A 44 -2.11 3.92 11.44
N LEU A 45 -1.37 4.86 10.87
CA LEU A 45 -0.63 4.62 9.63
C LEU A 45 0.85 4.36 9.93
N SER A 46 1.49 3.60 9.04
CA SER A 46 2.90 3.25 9.19
C SER A 46 3.79 4.49 9.08
N ALA A 47 5.09 4.30 9.28
CA ALA A 47 6.05 5.40 9.21
C ALA A 47 6.53 5.63 7.77
N PHE A 48 6.87 6.87 7.47
CA PHE A 48 7.35 7.24 6.13
C PHE A 48 8.56 6.41 5.71
N GLY A 49 9.55 6.33 6.60
CA GLY A 49 10.76 5.58 6.30
C GLY A 49 10.53 4.08 6.22
N ASP A 50 9.39 3.61 6.73
CA ASP A 50 9.10 2.17 6.71
C ASP A 50 8.35 1.76 5.44
N LEU A 51 7.41 2.60 4.98
CA LEU A 51 6.65 2.30 3.78
C LEU A 51 7.47 2.61 2.53
N ASP A 52 8.37 3.58 2.65
CA ASP A 52 9.24 3.97 1.54
C ASP A 52 10.70 4.03 2.00
N GLN A 53 11.50 3.09 1.52
CA GLN A 53 12.92 3.01 1.89
C GLN A 53 13.70 4.22 1.37
N ASN A 54 13.23 4.78 0.25
CA ASN A 54 13.88 5.94 -0.35
C ASN A 54 13.56 7.22 0.42
N GLN A 55 12.54 7.15 1.29
CA GLN A 55 12.12 8.30 2.09
C GLN A 55 11.71 9.48 1.21
N ASP A 56 11.22 9.16 0.02
CA ASP A 56 10.78 10.19 -0.94
C ASP A 56 9.46 10.82 -0.52
N GLY A 57 8.86 10.32 0.54
CA GLY A 57 7.57 10.83 0.98
C GLY A 57 6.49 10.53 -0.04
N CYS A 58 6.78 9.59 -0.92
CA CYS A 58 5.86 9.21 -1.98
C CYS A 58 5.80 7.69 -2.11
N ILE A 59 4.59 7.15 -2.17
CA ILE A 59 4.39 5.71 -2.29
C ILE A 59 4.12 5.30 -3.74
N SER A 60 4.96 4.43 -4.26
CA SER A 60 4.83 3.94 -5.63
C SER A 60 4.22 2.54 -5.66
N ARG A 61 3.87 2.07 -6.85
CA ARG A 61 3.29 0.74 -7.02
C ARG A 61 4.16 -0.32 -6.35
N GLU A 62 5.47 -0.24 -6.59
CA GLU A 62 6.42 -1.19 -6.00
C GLU A 62 6.42 -1.09 -4.48
N GLU A 63 6.09 0.08 -3.94
CA GLU A 63 6.04 0.27 -2.49
C GLU A 63 4.84 -0.48 -1.90
N MET A 64 3.65 -0.26 -2.46
CA MET A 64 2.44 -0.95 -1.98
C MET A 64 2.48 -2.44 -2.33
N VAL A 65 2.82 -2.76 -3.57
CA VAL A 65 2.90 -4.16 -3.99
C VAL A 65 3.92 -4.92 -3.16
N SER A 66 5.14 -4.39 -3.10
CA SER A 66 6.20 -5.00 -2.31
C SER A 66 5.78 -5.11 -0.85
N TYR A 67 4.98 -4.15 -0.41
CA TYR A 67 4.46 -4.15 0.96
C TYR A 67 3.44 -5.27 1.16
N PHE A 68 2.71 -5.62 0.10
CA PHE A 68 1.72 -6.69 0.19
C PHE A 68 2.40 -8.05 0.21
N LEU A 69 3.46 -8.19 -0.59
CA LEU A 69 4.24 -9.43 -0.61
C LEU A 69 5.28 -9.43 0.51
N ARG A 70 5.59 -8.23 1.02
CA ARG A 70 6.54 -8.09 2.13
C ARG A 70 5.92 -8.59 3.43
N SER A 71 4.70 -8.14 3.72
CA SER A 71 3.98 -8.52 4.93
C SER A 71 3.29 -9.88 4.76
N SER A 72 3.74 -10.66 3.77
CA SER A 72 3.17 -11.97 3.50
C SER A 72 3.67 -13.00 4.51
N SER A 73 2.73 -13.65 5.20
CA SER A 73 3.09 -14.66 6.19
C SER A 73 2.75 -16.07 5.69
N VAL A 74 1.57 -16.22 5.09
CA VAL A 74 1.14 -17.51 4.57
C VAL A 74 0.26 -17.32 3.33
N LEU A 75 0.90 -17.28 2.16
CA LEU A 75 0.18 -17.11 0.90
C LEU A 75 0.72 -18.07 -0.17
N GLY A 76 2.04 -18.23 -0.20
CA GLY A 76 2.66 -19.11 -1.17
C GLY A 76 3.98 -18.57 -1.69
N GLY A 77 3.91 -17.66 -2.65
CA GLY A 77 5.10 -17.06 -3.22
C GLY A 77 5.45 -17.66 -4.58
N ARG A 78 4.50 -17.61 -5.51
CA ARG A 78 4.71 -18.14 -6.85
C ARG A 78 5.02 -17.02 -7.83
N MET A 79 4.31 -15.91 -7.71
CA MET A 79 4.51 -14.76 -8.59
C MET A 79 5.24 -13.64 -7.87
N GLY A 80 6.30 -13.13 -8.50
CA GLY A 80 7.08 -12.05 -7.91
C GLY A 80 8.56 -12.34 -7.91
N PHE A 81 9.19 -12.25 -9.09
CA PHE A 81 10.61 -12.50 -9.23
C PHE A 81 11.31 -11.32 -9.89
N LYS A 1 -7.68 -16.20 6.83
CA LYS A 1 -8.12 -17.13 5.75
C LYS A 1 -9.59 -16.94 5.42
N LEU A 2 -9.91 -16.88 4.13
CA LEU A 2 -11.29 -16.71 3.68
C LEU A 2 -11.55 -17.51 2.41
N ASP A 3 -10.96 -17.08 1.30
CA ASP A 3 -11.12 -17.76 0.01
C ASP A 3 -10.19 -17.17 -1.05
N GLN A 4 -9.64 -18.04 -1.88
CA GLN A 4 -8.72 -17.63 -2.94
C GLN A 4 -9.30 -16.48 -3.76
N ALA A 5 -10.48 -16.69 -4.32
CA ALA A 5 -11.14 -15.67 -5.16
C ALA A 5 -11.51 -14.44 -4.33
N LEU A 6 -11.98 -14.68 -3.10
CA LEU A 6 -12.39 -13.62 -2.19
C LEU A 6 -11.26 -12.62 -1.94
N VAL A 7 -10.10 -13.15 -1.54
CA VAL A 7 -8.97 -12.30 -1.20
C VAL A 7 -8.19 -11.86 -2.43
N VAL A 8 -8.33 -12.60 -3.54
CA VAL A 8 -7.66 -12.23 -4.77
C VAL A 8 -8.22 -10.89 -5.25
N GLU A 9 -9.56 -10.81 -5.26
CA GLU A 9 -10.24 -9.58 -5.64
C GLU A 9 -10.08 -8.52 -4.55
N HIS A 10 -10.03 -8.96 -3.28
CA HIS A 10 -9.88 -8.05 -2.17
C HIS A 10 -8.48 -7.45 -2.14
N ILE A 11 -7.47 -8.27 -2.44
CA ILE A 11 -6.09 -7.82 -2.45
C ILE A 11 -5.86 -6.83 -3.58
N GLU A 12 -6.24 -7.22 -4.79
CA GLU A 12 -6.05 -6.36 -5.96
C GLU A 12 -6.78 -5.04 -5.75
N LYS A 13 -7.98 -5.11 -5.21
CA LYS A 13 -8.80 -3.93 -4.93
C LYS A 13 -8.21 -3.15 -3.77
N MET A 14 -7.45 -3.83 -2.90
CA MET A 14 -6.82 -3.19 -1.75
C MET A 14 -5.67 -2.30 -2.19
N VAL A 15 -4.81 -2.83 -3.06
CA VAL A 15 -3.67 -2.06 -3.57
C VAL A 15 -4.17 -0.90 -4.42
N GLU A 16 -5.21 -1.15 -5.20
CA GLU A 16 -5.83 -0.11 -6.03
C GLU A 16 -6.61 0.87 -5.17
N SER A 17 -7.15 0.38 -4.04
CA SER A 17 -7.93 1.22 -3.15
C SER A 17 -7.05 2.25 -2.45
N VAL A 18 -5.88 1.82 -2.00
CA VAL A 18 -4.93 2.70 -1.32
C VAL A 18 -4.22 3.60 -2.32
N PHE A 19 -3.84 3.02 -3.46
CA PHE A 19 -3.14 3.76 -4.51
C PHE A 19 -3.97 4.95 -4.95
N ARG A 20 -5.28 4.75 -5.11
CA ARG A 20 -6.17 5.84 -5.51
C ARG A 20 -6.68 6.60 -4.30
N ASN A 21 -6.67 5.95 -3.13
CA ASN A 21 -7.10 6.58 -1.90
C ASN A 21 -6.23 7.80 -1.59
N PHE A 22 -4.94 7.67 -1.86
CA PHE A 22 -3.99 8.75 -1.63
C PHE A 22 -3.77 9.59 -2.88
N ASP A 23 -4.16 9.06 -4.04
CA ASP A 23 -3.98 9.78 -5.30
C ASP A 23 -5.27 10.46 -5.74
N VAL A 24 -5.87 11.25 -4.85
CA VAL A 24 -7.09 11.98 -5.17
C VAL A 24 -6.81 13.12 -6.18
N ASP A 25 -5.53 13.41 -6.39
CA ASP A 25 -5.13 14.45 -7.33
C ASP A 25 -4.91 13.88 -8.72
N GLY A 26 -4.81 12.56 -8.81
CA GLY A 26 -4.60 11.90 -10.08
C GLY A 26 -3.17 12.02 -10.57
N ASP A 27 -2.22 11.85 -9.65
CA ASP A 27 -0.80 11.96 -9.97
C ASP A 27 -0.18 10.57 -10.20
N GLY A 28 -0.87 9.53 -9.71
CA GLY A 28 -0.38 8.18 -9.86
C GLY A 28 0.59 7.79 -8.75
N HIS A 29 0.90 8.75 -7.88
CA HIS A 29 1.83 8.51 -6.76
C HIS A 29 1.42 9.34 -5.55
N ILE A 30 1.96 8.97 -4.38
CA ILE A 30 1.66 9.68 -3.14
C ILE A 30 2.42 11.00 -3.06
N SER A 31 1.71 12.04 -2.64
CA SER A 31 2.30 13.37 -2.52
C SER A 31 2.53 13.73 -1.05
N GLN A 32 3.58 14.50 -0.80
CA GLN A 32 3.92 14.93 0.55
C GLN A 32 2.72 15.59 1.25
N GLU A 33 2.06 16.50 0.55
CA GLU A 33 0.90 17.20 1.12
C GLU A 33 -0.26 16.22 1.36
N GLU A 34 -0.41 15.25 0.47
CA GLU A 34 -1.47 14.25 0.60
C GLU A 34 -1.29 13.46 1.88
N PHE A 35 -0.11 12.84 2.04
CA PHE A 35 0.21 12.07 3.23
C PHE A 35 0.26 12.98 4.46
N GLN A 36 0.53 14.26 4.22
CA GLN A 36 0.61 15.26 5.28
C GLN A 36 -0.71 15.38 6.03
N ILE A 37 -1.77 15.70 5.29
CA ILE A 37 -3.10 15.88 5.87
C ILE A 37 -3.76 14.54 6.22
N ILE A 38 -3.47 13.51 5.42
CA ILE A 38 -4.04 12.18 5.64
C ILE A 38 -3.58 11.60 6.99
N ARG A 39 -2.28 11.67 7.25
CA ARG A 39 -1.72 11.17 8.50
C ARG A 39 -2.41 11.79 9.71
N GLY A 40 -2.82 13.04 9.59
CA GLY A 40 -3.50 13.74 10.67
C GLY A 40 -4.83 13.11 11.03
N ASN A 41 -5.48 12.49 10.04
CA ASN A 41 -6.76 11.84 10.25
C ASN A 41 -6.59 10.34 10.48
N PHE A 42 -5.41 9.83 10.14
CA PHE A 42 -5.12 8.40 10.31
C PHE A 42 -3.86 8.19 11.14
N PRO A 43 -4.00 8.16 12.49
CA PRO A 43 -2.87 7.96 13.40
C PRO A 43 -2.35 6.52 13.38
N TYR A 44 -3.01 5.66 12.60
CA TYR A 44 -2.61 4.26 12.49
C TYR A 44 -1.87 4.00 11.19
N LEU A 45 -1.28 5.06 10.63
CA LEU A 45 -0.54 4.95 9.37
C LEU A 45 0.93 4.62 9.63
N SER A 46 1.54 3.87 8.70
CA SER A 46 2.93 3.47 8.81
C SER A 46 3.87 4.68 8.72
N ALA A 47 5.17 4.43 8.90
CA ALA A 47 6.17 5.50 8.85
C ALA A 47 6.67 5.71 7.42
N PHE A 48 7.05 6.95 7.11
CA PHE A 48 7.53 7.30 5.77
C PHE A 48 8.74 6.45 5.39
N GLY A 49 9.69 6.34 6.30
CA GLY A 49 10.90 5.57 6.03
C GLY A 49 10.66 4.07 5.95
N ASP A 50 9.50 3.61 6.43
CA ASP A 50 9.19 2.20 6.41
C ASP A 50 8.47 1.79 5.12
N LEU A 51 7.57 2.65 4.63
CA LEU A 51 6.84 2.36 3.40
C LEU A 51 7.69 2.70 2.18
N ASP A 52 8.59 3.67 2.34
CA ASP A 52 9.49 4.08 1.28
C ASP A 52 10.92 4.16 1.80
N GLN A 53 11.77 3.24 1.32
CA GLN A 53 13.17 3.18 1.74
C GLN A 53 13.93 4.46 1.39
N ASN A 54 13.59 5.05 0.24
CA ASN A 54 14.25 6.27 -0.21
C ASN A 54 13.72 7.50 0.52
N GLN A 55 12.64 7.32 1.27
CA GLN A 55 12.02 8.40 2.03
C GLN A 55 11.62 9.57 1.12
N ASP A 56 11.21 9.24 -0.10
CA ASP A 56 10.81 10.24 -1.09
C ASP A 56 9.44 10.85 -0.75
N GLY A 57 8.79 10.33 0.29
CA GLY A 57 7.47 10.81 0.65
C GLY A 57 6.46 10.47 -0.42
N CYS A 58 6.82 9.51 -1.27
CA CYS A 58 5.98 9.08 -2.38
C CYS A 58 5.94 7.56 -2.46
N ILE A 59 4.73 7.00 -2.56
CA ILE A 59 4.58 5.55 -2.65
C ILE A 59 4.38 5.11 -4.10
N SER A 60 5.25 4.21 -4.55
CA SER A 60 5.17 3.69 -5.91
C SER A 60 4.53 2.30 -5.92
N ARG A 61 4.16 1.83 -7.11
CA ARG A 61 3.54 0.51 -7.26
C ARG A 61 4.37 -0.57 -6.56
N GLU A 62 5.68 -0.53 -6.78
CA GLU A 62 6.59 -1.49 -6.16
C GLU A 62 6.59 -1.35 -4.63
N GLU A 63 6.34 -0.14 -4.14
CA GLU A 63 6.30 0.09 -2.69
C GLU A 63 5.07 -0.57 -2.07
N MET A 64 3.88 -0.23 -2.58
CA MET A 64 2.64 -0.80 -2.08
C MET A 64 2.53 -2.28 -2.41
N VAL A 65 2.78 -2.65 -3.67
CA VAL A 65 2.72 -4.05 -4.07
C VAL A 65 3.71 -4.90 -3.29
N SER A 66 5.00 -4.50 -3.32
CA SER A 66 6.03 -5.23 -2.60
C SER A 66 5.69 -5.32 -1.12
N TYR A 67 5.03 -4.29 -0.61
CA TYR A 67 4.59 -4.26 0.79
C TYR A 67 3.46 -5.25 1.03
N PHE A 68 2.63 -5.50 0.01
CA PHE A 68 1.52 -6.44 0.15
C PHE A 68 2.03 -7.87 0.16
N LEU A 69 2.99 -8.15 -0.73
CA LEU A 69 3.61 -9.47 -0.78
C LEU A 69 4.75 -9.58 0.24
N ARG A 70 5.20 -8.42 0.74
CA ARG A 70 6.25 -8.38 1.76
C ARG A 70 5.70 -8.87 3.11
N SER A 71 4.59 -8.27 3.53
CA SER A 71 3.95 -8.62 4.79
C SER A 71 2.99 -9.79 4.65
N SER A 72 3.15 -10.55 3.56
CA SER A 72 2.29 -11.70 3.30
C SER A 72 3.10 -12.98 3.17
N SER A 73 2.44 -14.12 3.41
CA SER A 73 3.10 -15.42 3.33
C SER A 73 2.91 -16.05 1.95
N VAL A 74 3.76 -17.01 1.62
CA VAL A 74 3.69 -17.69 0.33
C VAL A 74 4.17 -19.13 0.46
N LEU A 75 3.22 -20.04 0.75
CA LEU A 75 3.54 -21.45 0.89
C LEU A 75 3.23 -22.21 -0.39
N GLY A 76 2.11 -21.89 -1.03
CA GLY A 76 1.73 -22.56 -2.26
C GLY A 76 1.61 -21.60 -3.42
N GLY A 77 0.38 -21.23 -3.77
CA GLY A 77 0.16 -20.31 -4.88
C GLY A 77 -0.30 -21.02 -6.14
N ARG A 78 -1.61 -21.19 -6.27
CA ARG A 78 -2.18 -21.86 -7.44
C ARG A 78 -2.77 -20.84 -8.42
N MET A 79 -2.48 -21.03 -9.70
CA MET A 79 -2.97 -20.12 -10.74
C MET A 79 -4.16 -20.74 -11.48
N GLY A 80 -4.05 -22.04 -11.78
CA GLY A 80 -5.11 -22.73 -12.49
C GLY A 80 -4.61 -23.48 -13.70
N PHE A 81 -4.26 -24.75 -13.51
CA PHE A 81 -3.77 -25.59 -14.60
C PHE A 81 -4.85 -26.53 -15.10
N LYS A 1 -7.49 -24.61 -0.92
CA LYS A 1 -7.96 -23.39 -1.62
C LYS A 1 -9.48 -23.33 -1.62
N LEU A 2 -10.03 -22.20 -1.14
CA LEU A 2 -11.47 -22.01 -1.09
C LEU A 2 -11.84 -20.56 -1.37
N ASP A 3 -11.14 -19.64 -0.70
CA ASP A 3 -11.38 -18.21 -0.87
C ASP A 3 -10.49 -17.62 -1.95
N GLN A 4 -9.99 -18.49 -2.84
CA GLN A 4 -9.12 -18.07 -3.93
C GLN A 4 -9.68 -16.86 -4.67
N ALA A 5 -10.90 -16.98 -5.18
CA ALA A 5 -11.54 -15.91 -5.93
C ALA A 5 -11.87 -14.73 -5.01
N LEU A 6 -12.30 -15.05 -3.79
CA LEU A 6 -12.67 -14.03 -2.81
C LEU A 6 -11.51 -13.06 -2.53
N VAL A 7 -10.37 -13.63 -2.18
CA VAL A 7 -9.20 -12.83 -1.82
C VAL A 7 -8.45 -12.33 -3.05
N VAL A 8 -8.60 -13.02 -4.18
CA VAL A 8 -7.95 -12.58 -5.41
C VAL A 8 -8.50 -11.21 -5.80
N GLU A 9 -9.83 -11.11 -5.77
CA GLU A 9 -10.50 -9.85 -6.07
C GLU A 9 -10.30 -8.84 -4.93
N HIS A 10 -10.25 -9.35 -3.69
CA HIS A 10 -10.05 -8.49 -2.53
C HIS A 10 -8.64 -7.94 -2.50
N ILE A 11 -7.65 -8.77 -2.84
CA ILE A 11 -6.26 -8.35 -2.86
C ILE A 11 -6.03 -7.30 -3.93
N GLU A 12 -6.42 -7.63 -5.17
CA GLU A 12 -6.23 -6.71 -6.28
C GLU A 12 -6.92 -5.38 -5.99
N LYS A 13 -8.12 -5.46 -5.43
CA LYS A 13 -8.89 -4.28 -5.08
C LYS A 13 -8.26 -3.57 -3.89
N MET A 14 -7.51 -4.31 -3.08
CA MET A 14 -6.82 -3.74 -1.92
C MET A 14 -5.66 -2.86 -2.35
N VAL A 15 -4.84 -3.37 -3.28
CA VAL A 15 -3.70 -2.62 -3.79
C VAL A 15 -4.19 -1.37 -4.52
N GLU A 16 -5.26 -1.53 -5.30
CA GLU A 16 -5.86 -0.42 -6.03
C GLU A 16 -6.60 0.52 -5.09
N SER A 17 -7.12 -0.03 -3.98
CA SER A 17 -7.87 0.76 -3.01
C SER A 17 -6.95 1.72 -2.26
N VAL A 18 -5.79 1.21 -1.86
CA VAL A 18 -4.81 2.02 -1.13
C VAL A 18 -4.09 2.99 -2.07
N PHE A 19 -3.72 2.48 -3.26
CA PHE A 19 -3.03 3.30 -4.25
C PHE A 19 -3.87 4.52 -4.61
N ARG A 20 -5.17 4.34 -4.79
CA ARG A 20 -6.06 5.44 -5.11
C ARG A 20 -6.51 6.17 -3.84
N ASN A 21 -6.50 5.45 -2.72
CA ASN A 21 -6.86 6.05 -1.43
C ASN A 21 -5.94 7.21 -1.09
N PHE A 22 -4.65 7.04 -1.41
CA PHE A 22 -3.65 8.06 -1.14
C PHE A 22 -3.38 8.93 -2.38
N ASP A 23 -3.89 8.52 -3.53
CA ASP A 23 -3.68 9.27 -4.76
C ASP A 23 -4.96 9.96 -5.23
N VAL A 24 -5.57 10.74 -4.32
CA VAL A 24 -6.78 11.50 -4.65
C VAL A 24 -6.44 12.71 -5.53
N ASP A 25 -5.16 12.87 -5.83
CA ASP A 25 -4.68 13.99 -6.65
C ASP A 25 -4.76 13.64 -8.14
N GLY A 26 -4.93 12.35 -8.43
CA GLY A 26 -5.02 11.91 -9.82
C GLY A 26 -3.71 12.08 -10.57
N ASP A 27 -2.61 11.77 -9.91
CA ASP A 27 -1.28 11.89 -10.51
C ASP A 27 -0.61 10.53 -10.66
N GLY A 28 -1.14 9.54 -9.94
CA GLY A 28 -0.57 8.19 -10.00
C GLY A 28 0.52 7.99 -8.94
N HIS A 29 0.84 9.05 -8.22
CA HIS A 29 1.86 9.00 -7.18
C HIS A 29 1.47 9.87 -5.99
N ILE A 30 2.02 9.55 -4.82
CA ILE A 30 1.72 10.29 -3.60
C ILE A 30 2.50 11.61 -3.54
N SER A 31 1.80 12.67 -3.18
CA SER A 31 2.41 13.99 -3.07
C SER A 31 2.57 14.39 -1.61
N GLN A 32 3.62 15.18 -1.33
CA GLN A 32 3.91 15.63 0.03
C GLN A 32 2.66 16.20 0.72
N GLU A 33 1.89 17.00 -0.02
CA GLU A 33 0.67 17.61 0.53
C GLU A 33 -0.36 16.56 0.92
N GLU A 34 -0.49 15.53 0.08
CA GLU A 34 -1.45 14.46 0.35
C GLU A 34 -1.10 13.75 1.66
N PHE A 35 0.11 13.22 1.74
CA PHE A 35 0.58 12.54 2.94
C PHE A 35 0.59 13.48 4.14
N GLN A 36 0.76 14.77 3.87
CA GLN A 36 0.78 15.79 4.91
C GLN A 36 -0.54 15.82 5.68
N ILE A 37 -1.63 16.03 4.95
CA ILE A 37 -2.96 16.10 5.55
C ILE A 37 -3.46 14.73 6.01
N ILE A 38 -3.02 13.67 5.33
CA ILE A 38 -3.42 12.31 5.68
C ILE A 38 -2.88 11.89 7.04
N ARG A 39 -1.55 11.97 7.21
CA ARG A 39 -0.90 11.60 8.47
C ARG A 39 -1.53 12.31 9.67
N GLY A 40 -2.00 13.53 9.45
CA GLY A 40 -2.61 14.30 10.52
C GLY A 40 -3.97 13.74 10.95
N ASN A 41 -4.71 13.21 9.98
CA ASN A 41 -6.03 12.65 10.26
C ASN A 41 -5.95 11.14 10.53
N PHE A 42 -4.81 10.55 10.21
CA PHE A 42 -4.60 9.12 10.41
C PHE A 42 -3.48 8.86 11.43
N PRO A 43 -3.81 8.86 12.73
CA PRO A 43 -2.82 8.62 13.80
C PRO A 43 -2.37 7.17 13.86
N TYR A 44 -3.07 6.30 13.13
CA TYR A 44 -2.75 4.87 13.10
C TYR A 44 -1.95 4.53 11.84
N LEU A 45 -1.23 5.52 11.31
CA LEU A 45 -0.43 5.32 10.10
C LEU A 45 0.99 4.90 10.46
N SER A 46 1.58 4.06 9.60
CA SER A 46 2.94 3.57 9.81
C SER A 46 3.97 4.70 9.63
N ALA A 47 5.25 4.34 9.64
CA ALA A 47 6.33 5.31 9.50
C ALA A 47 6.63 5.60 8.03
N PHE A 48 7.09 6.82 7.77
CA PHE A 48 7.42 7.26 6.40
C PHE A 48 8.41 6.30 5.74
N GLY A 49 9.52 6.04 6.44
CA GLY A 49 10.54 5.15 5.91
C GLY A 49 10.10 3.70 5.83
N ASP A 50 8.97 3.38 6.45
CA ASP A 50 8.47 2.01 6.44
C ASP A 50 7.57 1.77 5.22
N LEU A 51 6.78 2.78 4.85
CA LEU A 51 5.91 2.66 3.68
C LEU A 51 6.69 3.00 2.41
N ASP A 52 7.75 3.78 2.58
CA ASP A 52 8.61 4.15 1.46
C ASP A 52 10.08 4.01 1.88
N GLN A 53 10.76 3.04 1.28
CA GLN A 53 12.17 2.75 1.60
C GLN A 53 13.07 3.95 1.29
N ASN A 54 12.77 4.65 0.20
CA ASN A 54 13.58 5.80 -0.21
C ASN A 54 13.28 7.04 0.64
N GLN A 55 12.24 6.95 1.47
CA GLN A 55 11.84 8.06 2.34
C GLN A 55 11.59 9.35 1.54
N ASP A 56 11.08 9.18 0.31
CA ASP A 56 10.79 10.32 -0.56
C ASP A 56 9.45 10.96 -0.23
N GLY A 57 8.78 10.45 0.81
CA GLY A 57 7.47 10.97 1.17
C GLY A 57 6.45 10.68 0.09
N CYS A 58 6.82 9.77 -0.81
CA CYS A 58 5.99 9.40 -1.94
C CYS A 58 5.99 7.88 -2.12
N ILE A 59 4.80 7.30 -2.25
CA ILE A 59 4.67 5.85 -2.42
C ILE A 59 4.37 5.50 -3.87
N SER A 60 5.16 4.60 -4.42
CA SER A 60 4.99 4.15 -5.80
C SER A 60 4.36 2.75 -5.85
N ARG A 61 4.05 2.28 -7.06
CA ARG A 61 3.45 0.96 -7.24
C ARG A 61 4.31 -0.13 -6.62
N GLU A 62 5.62 -0.06 -6.87
CA GLU A 62 6.56 -1.03 -6.33
C GLU A 62 6.57 -1.03 -4.80
N GLU A 63 6.27 0.12 -4.21
CA GLU A 63 6.22 0.24 -2.75
C GLU A 63 5.01 -0.50 -2.19
N MET A 64 3.84 -0.25 -2.76
CA MET A 64 2.61 -0.91 -2.32
C MET A 64 2.62 -2.40 -2.71
N VAL A 65 2.99 -2.70 -3.94
CA VAL A 65 3.05 -4.08 -4.40
C VAL A 65 4.05 -4.88 -3.56
N SER A 66 5.28 -4.35 -3.45
CA SER A 66 6.32 -5.00 -2.65
C SER A 66 5.84 -5.15 -1.21
N TYR A 67 5.02 -4.19 -0.76
CA TYR A 67 4.45 -4.23 0.58
C TYR A 67 3.42 -5.36 0.71
N PHE A 68 2.75 -5.68 -0.40
CA PHE A 68 1.75 -6.75 -0.39
C PHE A 68 2.44 -8.11 -0.34
N LEU A 69 3.53 -8.24 -1.10
CA LEU A 69 4.32 -9.46 -1.09
C LEU A 69 5.31 -9.48 0.07
N ARG A 70 5.57 -8.29 0.62
CA ARG A 70 6.46 -8.16 1.77
C ARG A 70 5.81 -8.71 3.04
N SER A 71 4.59 -8.23 3.32
CA SER A 71 3.84 -8.66 4.50
C SER A 71 2.97 -9.88 4.18
N SER A 72 3.30 -10.58 3.10
CA SER A 72 2.54 -11.77 2.69
C SER A 72 3.12 -13.03 3.33
N SER A 73 2.23 -13.91 3.78
CA SER A 73 2.64 -15.15 4.42
C SER A 73 2.00 -16.36 3.73
N VAL A 74 2.56 -16.74 2.58
CA VAL A 74 2.05 -17.87 1.82
C VAL A 74 2.47 -19.20 2.45
N LEU A 75 3.74 -19.31 2.81
CA LEU A 75 4.27 -20.53 3.43
C LEU A 75 4.88 -20.21 4.79
N GLY A 76 5.62 -19.11 4.88
CA GLY A 76 6.25 -18.72 6.12
C GLY A 76 7.64 -18.12 5.91
N GLY A 77 8.51 -18.88 5.24
CA GLY A 77 9.86 -18.41 4.98
C GLY A 77 10.90 -19.16 5.78
N ARG A 78 11.88 -18.44 6.31
CA ARG A 78 12.94 -19.05 7.09
C ARG A 78 12.72 -18.82 8.59
N MET A 79 12.31 -17.60 8.94
CA MET A 79 12.05 -17.25 10.33
C MET A 79 10.55 -17.19 10.61
N GLY A 80 9.81 -16.59 9.69
CA GLY A 80 8.37 -16.46 9.85
C GLY A 80 7.83 -15.17 9.29
N PHE A 81 7.90 -14.10 10.07
CA PHE A 81 7.42 -12.79 9.64
C PHE A 81 8.58 -11.89 9.24
N LYS A 1 -10.64 -13.16 3.83
CA LYS A 1 -9.36 -13.40 4.52
C LYS A 1 -9.09 -14.89 4.71
N LEU A 2 -10.06 -15.71 4.31
CA LEU A 2 -9.95 -17.16 4.44
C LEU A 2 -10.26 -17.86 3.12
N ASP A 3 -10.89 -17.13 2.20
CA ASP A 3 -11.25 -17.68 0.89
C ASP A 3 -10.38 -17.09 -0.21
N GLN A 4 -9.81 -17.97 -1.03
CA GLN A 4 -8.94 -17.57 -2.14
C GLN A 4 -9.55 -16.43 -2.96
N ALA A 5 -10.77 -16.64 -3.47
CA ALA A 5 -11.45 -15.64 -4.29
C ALA A 5 -11.74 -14.37 -3.49
N LEU A 6 -12.14 -14.55 -2.23
CA LEU A 6 -12.48 -13.44 -1.36
C LEU A 6 -11.31 -12.47 -1.20
N VAL A 7 -10.13 -13.01 -0.87
CA VAL A 7 -8.95 -12.21 -0.64
C VAL A 7 -8.26 -11.82 -1.93
N VAL A 8 -8.51 -12.58 -3.00
CA VAL A 8 -7.92 -12.26 -4.30
C VAL A 8 -8.47 -10.92 -4.77
N GLU A 9 -9.78 -10.78 -4.69
CA GLU A 9 -10.45 -9.53 -5.05
C GLU A 9 -10.20 -8.46 -3.99
N HIS A 10 -10.09 -8.88 -2.72
CA HIS A 10 -9.85 -7.95 -1.63
C HIS A 10 -8.42 -7.40 -1.69
N ILE A 11 -7.47 -8.25 -2.03
CA ILE A 11 -6.07 -7.84 -2.12
C ILE A 11 -5.85 -6.91 -3.30
N GLU A 12 -6.33 -7.32 -4.47
CA GLU A 12 -6.18 -6.52 -5.68
C GLU A 12 -6.83 -5.15 -5.48
N LYS A 13 -8.03 -5.17 -4.90
CA LYS A 13 -8.77 -3.95 -4.62
C LYS A 13 -8.12 -3.17 -3.47
N MET A 14 -7.37 -3.89 -2.62
CA MET A 14 -6.68 -3.26 -1.50
C MET A 14 -5.52 -2.40 -1.99
N VAL A 15 -4.68 -2.96 -2.86
CA VAL A 15 -3.56 -2.23 -3.41
C VAL A 15 -4.05 -1.06 -4.27
N GLU A 16 -5.12 -1.32 -5.02
CA GLU A 16 -5.73 -0.29 -5.84
C GLU A 16 -6.45 0.75 -4.98
N SER A 17 -6.97 0.31 -3.83
CA SER A 17 -7.69 1.19 -2.93
C SER A 17 -6.74 2.17 -2.24
N VAL A 18 -5.57 1.68 -1.84
CA VAL A 18 -4.56 2.51 -1.18
C VAL A 18 -3.86 3.42 -2.18
N PHE A 19 -3.53 2.86 -3.35
CA PHE A 19 -2.85 3.62 -4.39
C PHE A 19 -3.68 4.81 -4.83
N ARG A 20 -5.00 4.61 -4.98
CA ARG A 20 -5.89 5.68 -5.38
C ARG A 20 -6.35 6.49 -4.17
N ASN A 21 -6.38 5.86 -3.00
CA ASN A 21 -6.78 6.51 -1.76
C ASN A 21 -5.87 7.68 -1.43
N PHE A 22 -4.57 7.48 -1.57
CA PHE A 22 -3.59 8.51 -1.26
C PHE A 22 -3.20 9.30 -2.51
N ASP A 23 -3.85 9.00 -3.64
CA ASP A 23 -3.57 9.69 -4.89
C ASP A 23 -4.84 10.27 -5.50
N VAL A 24 -5.55 11.08 -4.73
CA VAL A 24 -6.79 11.71 -5.20
C VAL A 24 -6.50 12.76 -6.28
N ASP A 25 -5.22 13.05 -6.48
CA ASP A 25 -4.80 14.05 -7.48
C ASP A 25 -4.61 13.39 -8.84
N GLY A 26 -4.71 12.06 -8.89
CA GLY A 26 -4.52 11.35 -10.14
C GLY A 26 -3.12 11.53 -10.70
N ASP A 27 -2.16 11.72 -9.80
CA ASP A 27 -0.77 11.95 -10.18
C ASP A 27 0.00 10.63 -10.26
N GLY A 28 -0.55 9.58 -9.63
CA GLY A 28 0.11 8.29 -9.64
C GLY A 28 1.18 8.17 -8.57
N HIS A 29 1.48 9.28 -7.90
CA HIS A 29 2.49 9.31 -6.85
C HIS A 29 1.95 10.02 -5.60
N ILE A 30 2.29 9.47 -4.44
CA ILE A 30 1.83 10.05 -3.17
C ILE A 30 2.76 11.17 -2.72
N SER A 31 2.34 12.41 -2.99
CA SER A 31 3.11 13.58 -2.59
C SER A 31 3.12 13.75 -1.08
N GLN A 32 4.15 14.42 -0.57
CA GLN A 32 4.29 14.65 0.87
C GLN A 32 3.05 15.29 1.47
N GLU A 33 2.47 16.25 0.76
CA GLU A 33 1.27 16.94 1.24
C GLU A 33 0.09 15.98 1.40
N GLU A 34 -0.05 15.04 0.46
CA GLU A 34 -1.14 14.07 0.51
C GLU A 34 -1.10 13.29 1.83
N PHE A 35 0.02 12.62 2.08
CA PHE A 35 0.21 11.86 3.30
C PHE A 35 0.32 12.79 4.51
N GLN A 36 0.66 14.05 4.24
CA GLN A 36 0.79 15.06 5.28
C GLN A 36 -0.52 15.24 6.05
N ILE A 37 -1.59 15.52 5.31
CA ILE A 37 -2.90 15.74 5.92
C ILE A 37 -3.63 14.41 6.17
N ILE A 38 -3.41 13.42 5.31
CA ILE A 38 -4.07 12.12 5.44
C ILE A 38 -3.64 11.41 6.73
N ARG A 39 -2.36 11.49 7.07
CA ARG A 39 -1.84 10.85 8.27
C ARG A 39 -2.53 11.36 9.53
N GLY A 40 -3.16 12.53 9.42
CA GLY A 40 -3.85 13.12 10.56
C GLY A 40 -5.22 12.50 10.79
N ASN A 41 -5.78 11.91 9.74
CA ASN A 41 -7.09 11.26 9.81
C ASN A 41 -6.95 9.80 10.24
N PHE A 42 -5.81 9.20 9.92
CA PHE A 42 -5.55 7.80 10.27
C PHE A 42 -4.30 7.68 11.14
N PRO A 43 -4.47 7.79 12.47
CA PRO A 43 -3.35 7.69 13.43
C PRO A 43 -2.80 6.26 13.55
N TYR A 44 -3.45 5.33 12.85
CA TYR A 44 -3.03 3.93 12.88
C TYR A 44 -2.29 3.56 11.59
N LEU A 45 -1.72 4.56 10.94
CA LEU A 45 -0.98 4.34 9.69
C LEU A 45 0.53 4.38 9.94
N SER A 46 1.27 3.71 9.06
CA SER A 46 2.73 3.65 9.17
C SER A 46 3.37 5.00 8.82
N ALA A 47 4.69 5.09 9.04
CA ALA A 47 5.43 6.33 8.77
C ALA A 47 5.99 6.35 7.35
N PHE A 48 6.24 7.56 6.84
CA PHE A 48 6.79 7.76 5.50
C PHE A 48 7.95 6.81 5.22
N GLY A 49 8.90 6.76 6.16
CA GLY A 49 10.07 5.92 6.01
C GLY A 49 9.75 4.44 5.92
N ASP A 50 8.60 4.04 6.45
CA ASP A 50 8.22 2.62 6.43
C ASP A 50 7.45 2.28 5.15
N LEU A 51 6.74 3.25 4.59
CA LEU A 51 5.99 3.03 3.35
C LEU A 51 6.94 3.04 2.15
N ASP A 52 7.97 3.88 2.23
CA ASP A 52 8.95 3.99 1.17
C ASP A 52 10.36 3.91 1.74
N GLN A 53 11.12 2.90 1.29
CA GLN A 53 12.48 2.69 1.76
C GLN A 53 13.42 3.79 1.29
N ASN A 54 13.09 4.40 0.15
CA ASN A 54 13.90 5.47 -0.42
C ASN A 54 13.66 6.80 0.32
N GLN A 55 12.64 6.82 1.18
CA GLN A 55 12.31 8.01 1.96
C GLN A 55 12.05 9.22 1.05
N ASP A 56 11.50 8.96 -0.13
CA ASP A 56 11.21 10.03 -1.10
C ASP A 56 9.89 10.72 -0.78
N GLY A 57 9.20 10.26 0.26
CA GLY A 57 7.92 10.84 0.62
C GLY A 57 6.88 10.59 -0.46
N CYS A 58 7.20 9.66 -1.35
CA CYS A 58 6.33 9.32 -2.47
C CYS A 58 6.23 7.81 -2.62
N ILE A 59 5.01 7.30 -2.73
CA ILE A 59 4.80 5.86 -2.88
C ILE A 59 4.43 5.50 -4.32
N SER A 60 5.21 4.58 -4.89
CA SER A 60 4.97 4.13 -6.26
C SER A 60 4.31 2.75 -6.26
N ARG A 61 3.94 2.27 -7.45
CA ARG A 61 3.30 0.96 -7.59
C ARG A 61 4.16 -0.14 -6.97
N GLU A 62 5.45 -0.15 -7.32
CA GLU A 62 6.39 -1.14 -6.81
C GLU A 62 6.53 -1.04 -5.29
N GLU A 63 6.43 0.16 -4.74
CA GLU A 63 6.55 0.36 -3.30
C GLU A 63 5.34 -0.24 -2.57
N MET A 64 4.14 0.15 -2.97
CA MET A 64 2.91 -0.35 -2.35
C MET A 64 2.68 -1.83 -2.69
N VAL A 65 2.80 -2.19 -3.96
CA VAL A 65 2.62 -3.57 -4.38
C VAL A 65 3.63 -4.49 -3.71
N SER A 66 4.92 -4.17 -3.89
CA SER A 66 6.00 -4.97 -3.29
C SER A 66 5.80 -5.09 -1.79
N TYR A 67 5.31 -4.01 -1.17
CA TYR A 67 5.04 -4.00 0.27
C TYR A 67 3.83 -4.87 0.61
N PHE A 68 2.91 -5.03 -0.35
CA PHE A 68 1.73 -5.87 -0.12
C PHE A 68 2.11 -7.33 -0.11
N LEU A 69 2.94 -7.74 -1.07
CA LEU A 69 3.43 -9.10 -1.14
C LEU A 69 4.66 -9.29 -0.24
N ARG A 70 5.27 -8.18 0.15
CA ARG A 70 6.42 -8.21 1.06
C ARG A 70 5.99 -8.59 2.48
N SER A 71 4.94 -7.92 2.96
CA SER A 71 4.41 -8.17 4.30
C SER A 71 3.46 -9.37 4.30
N SER A 72 3.56 -10.21 3.27
CA SER A 72 2.71 -11.39 3.16
C SER A 72 3.34 -12.58 3.86
N SER A 73 2.50 -13.42 4.46
CA SER A 73 2.97 -14.61 5.16
C SER A 73 2.85 -15.86 4.28
N VAL A 74 2.10 -16.85 4.75
CA VAL A 74 1.91 -18.09 4.00
C VAL A 74 1.05 -17.86 2.75
N LEU A 75 -0.08 -17.18 2.93
CA LEU A 75 -0.98 -16.90 1.82
C LEU A 75 -1.32 -15.41 1.76
N GLY A 76 -1.58 -14.82 2.92
CA GLY A 76 -1.92 -13.41 3.00
C GLY A 76 -2.04 -12.91 4.43
N GLY A 77 -0.99 -13.10 5.21
CA GLY A 77 -1.00 -12.66 6.59
C GLY A 77 0.30 -11.98 6.99
N ARG A 78 0.71 -12.17 8.24
CA ARG A 78 1.93 -11.57 8.75
C ARG A 78 2.86 -12.64 9.32
N MET A 79 2.31 -13.57 10.09
CA MET A 79 3.08 -14.64 10.70
C MET A 79 2.44 -15.99 10.43
N GLY A 80 1.11 -16.05 10.56
CA GLY A 80 0.40 -17.29 10.32
C GLY A 80 -0.99 -17.28 10.95
N PHE A 81 -1.04 -17.51 12.26
CA PHE A 81 -2.31 -17.54 12.98
C PHE A 81 -2.51 -16.24 13.76
N LYS A 1 -14.21 -16.97 5.06
CA LYS A 1 -12.99 -16.72 5.87
C LYS A 1 -11.73 -16.82 5.01
N LEU A 2 -11.70 -17.84 4.15
CA LEU A 2 -10.55 -18.06 3.27
C LEU A 2 -11.01 -18.57 1.91
N ASP A 3 -10.85 -17.73 0.89
CA ASP A 3 -11.25 -18.09 -0.48
C ASP A 3 -10.36 -17.42 -1.51
N GLN A 4 -9.75 -18.23 -2.37
CA GLN A 4 -8.86 -17.74 -3.42
C GLN A 4 -9.47 -16.57 -4.19
N ALA A 5 -10.66 -16.77 -4.75
CA ALA A 5 -11.33 -15.75 -5.53
C ALA A 5 -11.70 -14.54 -4.68
N LEU A 6 -12.16 -14.79 -3.47
CA LEU A 6 -12.57 -13.73 -2.55
C LEU A 6 -11.44 -12.75 -2.27
N VAL A 7 -10.29 -13.30 -1.86
CA VAL A 7 -9.13 -12.48 -1.50
C VAL A 7 -8.37 -12.00 -2.73
N VAL A 8 -8.49 -12.73 -3.84
CA VAL A 8 -7.83 -12.31 -5.08
C VAL A 8 -8.38 -10.96 -5.52
N GLU A 9 -9.71 -10.87 -5.52
CA GLU A 9 -10.39 -9.63 -5.87
C GLU A 9 -10.21 -8.59 -4.76
N HIS A 10 -10.17 -9.06 -3.51
CA HIS A 10 -10.01 -8.16 -2.37
C HIS A 10 -8.60 -7.59 -2.33
N ILE A 11 -7.61 -8.42 -2.63
CA ILE A 11 -6.22 -8.00 -2.62
C ILE A 11 -5.96 -6.98 -3.72
N GLU A 12 -6.32 -7.35 -4.96
CA GLU A 12 -6.12 -6.47 -6.09
C GLU A 12 -6.83 -5.13 -5.87
N LYS A 13 -8.04 -5.22 -5.33
CA LYS A 13 -8.84 -4.02 -5.04
C LYS A 13 -8.24 -3.26 -3.86
N MET A 14 -7.50 -3.98 -2.99
CA MET A 14 -6.86 -3.35 -1.84
C MET A 14 -5.68 -2.48 -2.27
N VAL A 15 -4.83 -3.03 -3.13
CA VAL A 15 -3.67 -2.27 -3.63
C VAL A 15 -4.15 -1.06 -4.43
N GLU A 16 -5.19 -1.28 -5.24
CA GLU A 16 -5.78 -0.21 -6.04
C GLU A 16 -6.56 0.76 -5.16
N SER A 17 -7.11 0.26 -4.06
CA SER A 17 -7.89 1.08 -3.14
C SER A 17 -7.01 2.09 -2.41
N VAL A 18 -5.84 1.62 -1.95
CA VAL A 18 -4.90 2.48 -1.23
C VAL A 18 -4.17 3.41 -2.19
N PHE A 19 -3.77 2.87 -3.35
CA PHE A 19 -3.07 3.65 -4.36
C PHE A 19 -3.90 4.85 -4.81
N ARG A 20 -5.21 4.62 -4.99
CA ARG A 20 -6.12 5.69 -5.40
C ARG A 20 -6.60 6.49 -4.19
N ASN A 21 -6.64 5.82 -3.03
CA ASN A 21 -7.08 6.45 -1.78
C ASN A 21 -6.22 7.66 -1.44
N PHE A 22 -4.90 7.49 -1.57
CA PHE A 22 -3.96 8.56 -1.27
C PHE A 22 -3.68 9.41 -2.51
N ASP A 23 -4.21 8.99 -3.65
CA ASP A 23 -4.00 9.73 -4.90
C ASP A 23 -5.29 10.41 -5.37
N VAL A 24 -5.89 11.20 -4.49
CA VAL A 24 -7.11 11.94 -4.82
C VAL A 24 -6.84 13.06 -5.81
N ASP A 25 -5.57 13.33 -6.07
CA ASP A 25 -5.17 14.38 -7.01
C ASP A 25 -5.07 13.84 -8.44
N GLY A 26 -5.04 12.51 -8.56
CA GLY A 26 -4.93 11.88 -9.86
C GLY A 26 -3.56 12.03 -10.48
N ASP A 27 -2.53 11.94 -9.63
CA ASP A 27 -1.14 12.08 -10.09
C ASP A 27 -0.50 10.71 -10.32
N GLY A 28 -1.13 9.67 -9.77
CA GLY A 28 -0.59 8.32 -9.90
C GLY A 28 0.42 7.99 -8.83
N HIS A 29 0.78 9.00 -8.04
CA HIS A 29 1.75 8.82 -6.96
C HIS A 29 1.36 9.65 -5.75
N ILE A 30 1.87 9.27 -4.57
CA ILE A 30 1.57 9.96 -3.33
C ILE A 30 2.37 11.25 -3.21
N SER A 31 1.70 12.32 -2.79
CA SER A 31 2.33 13.62 -2.63
C SER A 31 2.53 13.94 -1.16
N GLN A 32 3.60 14.68 -0.86
CA GLN A 32 3.92 15.08 0.52
C GLN A 32 2.71 15.69 1.22
N GLU A 33 2.03 16.60 0.53
CA GLU A 33 0.85 17.26 1.09
C GLU A 33 -0.29 16.25 1.30
N GLU A 34 -0.39 15.27 0.41
CA GLU A 34 -1.42 14.25 0.50
C GLU A 34 -1.27 13.47 1.81
N PHE A 35 -0.12 12.85 1.99
CA PHE A 35 0.17 12.08 3.20
C PHE A 35 0.22 13.00 4.41
N GLN A 36 0.50 14.28 4.16
CA GLN A 36 0.57 15.29 5.22
C GLN A 36 -0.76 15.41 5.97
N ILE A 37 -1.82 15.71 5.22
CA ILE A 37 -3.15 15.87 5.79
C ILE A 37 -3.80 14.52 6.13
N ILE A 38 -3.50 13.50 5.34
CA ILE A 38 -4.06 12.17 5.57
C ILE A 38 -3.62 11.61 6.92
N ARG A 39 -2.32 11.70 7.20
CA ARG A 39 -1.76 11.22 8.47
C ARG A 39 -2.48 11.83 9.67
N GLY A 40 -2.90 13.09 9.52
CA GLY A 40 -3.59 13.78 10.60
C GLY A 40 -4.95 13.17 10.91
N ASN A 41 -5.59 12.60 9.89
CA ASN A 41 -6.90 11.98 10.06
C ASN A 41 -6.78 10.47 10.25
N PHE A 42 -5.62 9.93 9.90
CA PHE A 42 -5.36 8.49 10.03
C PHE A 42 -4.02 8.22 10.69
N PRO A 43 -3.99 8.20 12.04
CA PRO A 43 -2.76 7.95 12.81
C PRO A 43 -2.33 6.48 12.74
N TYR A 44 -3.08 5.68 11.99
CA TYR A 44 -2.78 4.25 11.85
C TYR A 44 -1.79 4.01 10.71
N LEU A 45 -1.28 5.09 10.14
CA LEU A 45 -0.33 4.99 9.04
C LEU A 45 1.10 4.78 9.56
N SER A 46 1.86 3.96 8.84
CA SER A 46 3.25 3.66 9.21
C SER A 46 4.15 4.88 8.99
N ALA A 47 5.46 4.67 9.15
CA ALA A 47 6.42 5.76 8.98
C ALA A 47 6.86 5.88 7.52
N PHE A 48 7.20 7.11 7.12
CA PHE A 48 7.63 7.38 5.75
C PHE A 48 8.86 6.55 5.37
N GLY A 49 9.85 6.54 6.26
CA GLY A 49 11.08 5.79 6.00
C GLY A 49 10.86 4.28 5.98
N ASP A 50 9.73 3.83 6.52
CA ASP A 50 9.44 2.40 6.57
C ASP A 50 8.69 1.93 5.33
N LEU A 51 7.72 2.73 4.86
CA LEU A 51 6.95 2.35 3.68
C LEU A 51 7.76 2.61 2.41
N ASP A 52 8.68 3.55 2.48
CA ASP A 52 9.54 3.87 1.35
C ASP A 52 11.01 3.85 1.76
N GLN A 53 11.75 2.88 1.24
CA GLN A 53 13.18 2.73 1.57
C GLN A 53 14.00 3.90 1.02
N ASN A 54 13.53 4.47 -0.09
CA ASN A 54 14.22 5.59 -0.73
C ASN A 54 13.97 6.89 0.03
N GLN A 55 12.98 6.87 0.93
CA GLN A 55 12.62 8.04 1.73
C GLN A 55 12.19 9.21 0.85
N ASP A 56 11.64 8.88 -0.33
CA ASP A 56 11.18 9.89 -1.27
C ASP A 56 9.91 10.59 -0.79
N GLY A 57 9.32 10.10 0.30
CA GLY A 57 8.10 10.68 0.82
C GLY A 57 6.95 10.46 -0.15
N CYS A 58 7.13 9.50 -1.04
CA CYS A 58 6.14 9.16 -2.05
C CYS A 58 5.99 7.65 -2.19
N ILE A 59 4.75 7.18 -2.17
CA ILE A 59 4.47 5.75 -2.29
C ILE A 59 4.20 5.36 -3.74
N SER A 60 5.03 4.47 -4.27
CA SER A 60 4.89 3.99 -5.64
C SER A 60 4.26 2.61 -5.67
N ARG A 61 3.95 2.11 -6.88
CA ARG A 61 3.36 0.79 -7.04
C ARG A 61 4.21 -0.28 -6.36
N GLU A 62 5.52 -0.20 -6.56
CA GLU A 62 6.46 -1.15 -5.95
C GLU A 62 6.43 -1.06 -4.43
N GLU A 63 6.09 0.11 -3.90
CA GLU A 63 6.01 0.30 -2.45
C GLU A 63 4.80 -0.43 -1.87
N MET A 64 3.63 -0.22 -2.47
CA MET A 64 2.40 -0.88 -2.03
C MET A 64 2.43 -2.37 -2.36
N VAL A 65 2.81 -2.71 -3.59
CA VAL A 65 2.89 -4.10 -4.00
C VAL A 65 3.89 -4.87 -3.12
N SER A 66 5.11 -4.35 -3.04
CA SER A 66 6.16 -4.96 -2.21
C SER A 66 5.67 -5.06 -0.76
N TYR A 67 4.86 -4.10 -0.35
CA TYR A 67 4.28 -4.08 0.99
C TYR A 67 3.25 -5.20 1.14
N PHE A 68 2.58 -5.56 0.04
CA PHE A 68 1.58 -6.64 0.08
C PHE A 68 2.27 -7.99 0.21
N LEU A 69 3.35 -8.18 -0.55
CA LEU A 69 4.14 -9.41 -0.47
C LEU A 69 5.13 -9.34 0.69
N ARG A 70 5.39 -8.13 1.18
CA ARG A 70 6.28 -7.93 2.32
C ARG A 70 5.63 -8.41 3.61
N SER A 71 4.38 -7.98 3.83
CA SER A 71 3.63 -8.36 5.03
C SER A 71 3.02 -9.75 4.89
N SER A 72 3.57 -10.55 3.98
CA SER A 72 3.08 -11.91 3.76
C SER A 72 3.66 -12.87 4.80
N SER A 73 2.77 -13.58 5.49
CA SER A 73 3.18 -14.52 6.52
C SER A 73 3.05 -15.96 6.03
N VAL A 74 1.99 -16.23 5.28
CA VAL A 74 1.74 -17.57 4.75
C VAL A 74 1.04 -17.51 3.39
N LEU A 75 1.02 -16.31 2.80
CA LEU A 75 0.38 -16.10 1.49
C LEU A 75 1.35 -16.42 0.36
N GLY A 76 2.60 -16.02 0.53
CA GLY A 76 3.60 -16.26 -0.50
C GLY A 76 4.61 -15.13 -0.62
N GLY A 77 5.26 -15.04 -1.77
CA GLY A 77 6.25 -14.00 -2.00
C GLY A 77 6.68 -13.90 -3.45
N ARG A 78 7.98 -14.02 -3.68
CA ARG A 78 8.52 -13.95 -5.04
C ARG A 78 8.86 -15.34 -5.56
N MET A 79 9.45 -16.16 -4.70
CA MET A 79 9.82 -17.52 -5.08
C MET A 79 8.85 -18.55 -4.50
N GLY A 80 8.60 -19.61 -5.24
CA GLY A 80 7.68 -20.65 -4.78
C GLY A 80 8.09 -22.03 -5.25
N PHE A 81 8.07 -22.24 -6.57
CA PHE A 81 8.44 -23.52 -7.15
C PHE A 81 9.86 -23.47 -7.72
N LYS A 1 -13.40 -17.47 7.13
CA LYS A 1 -13.56 -17.97 5.75
C LYS A 1 -12.37 -17.58 4.88
N LEU A 2 -12.18 -18.31 3.79
CA LEU A 2 -11.08 -18.04 2.86
C LEU A 2 -11.42 -18.53 1.46
N ASP A 3 -11.17 -17.68 0.46
CA ASP A 3 -11.47 -18.03 -0.93
C ASP A 3 -10.50 -17.32 -1.88
N GLN A 4 -9.82 -18.13 -2.71
CA GLN A 4 -8.87 -17.61 -3.69
C GLN A 4 -9.43 -16.43 -4.48
N ALA A 5 -10.58 -16.63 -5.11
CA ALA A 5 -11.22 -15.59 -5.92
C ALA A 5 -11.60 -14.38 -5.07
N LEU A 6 -12.12 -14.65 -3.87
CA LEU A 6 -12.55 -13.60 -2.95
C LEU A 6 -11.43 -12.63 -2.63
N VAL A 7 -10.30 -13.18 -2.19
CA VAL A 7 -9.15 -12.37 -1.79
C VAL A 7 -8.34 -11.90 -2.99
N VAL A 8 -8.46 -12.60 -4.12
CA VAL A 8 -7.75 -12.17 -5.33
C VAL A 8 -8.28 -10.82 -5.76
N GLU A 9 -9.61 -10.70 -5.80
CA GLU A 9 -10.26 -9.45 -6.15
C GLU A 9 -10.11 -8.43 -5.02
N HIS A 10 -10.11 -8.92 -3.77
CA HIS A 10 -9.97 -8.04 -2.61
C HIS A 10 -8.56 -7.49 -2.52
N ILE A 11 -7.57 -8.33 -2.80
CA ILE A 11 -6.17 -7.92 -2.74
C ILE A 11 -5.88 -6.90 -3.83
N GLU A 12 -6.21 -7.23 -5.08
CA GLU A 12 -5.96 -6.33 -6.20
C GLU A 12 -6.66 -5.00 -5.96
N LYS A 13 -7.89 -5.08 -5.46
CA LYS A 13 -8.67 -3.88 -5.17
C LYS A 13 -8.09 -3.15 -3.96
N MET A 14 -7.38 -3.88 -3.10
CA MET A 14 -6.76 -3.30 -1.92
C MET A 14 -5.57 -2.42 -2.32
N VAL A 15 -4.70 -2.94 -3.19
CA VAL A 15 -3.54 -2.20 -3.66
C VAL A 15 -3.99 -0.96 -4.42
N GLU A 16 -5.04 -1.13 -5.23
CA GLU A 16 -5.60 -0.04 -6.01
C GLU A 16 -6.37 0.94 -5.11
N SER A 17 -6.98 0.41 -4.05
CA SER A 17 -7.76 1.23 -3.13
C SER A 17 -6.87 2.20 -2.37
N VAL A 18 -5.72 1.70 -1.90
CA VAL A 18 -4.78 2.52 -1.17
C VAL A 18 -4.01 3.44 -2.10
N PHE A 19 -3.65 2.92 -3.27
CA PHE A 19 -2.92 3.69 -4.28
C PHE A 19 -3.67 4.96 -4.62
N ARG A 20 -4.99 4.86 -4.79
CA ARG A 20 -5.81 6.02 -5.11
C ARG A 20 -6.30 6.71 -3.83
N ASN A 21 -6.36 5.95 -2.74
CA ASN A 21 -6.77 6.51 -1.45
C ASN A 21 -5.84 7.63 -1.03
N PHE A 22 -4.56 7.47 -1.37
CA PHE A 22 -3.54 8.46 -1.04
C PHE A 22 -3.69 9.73 -1.87
N ASP A 23 -3.97 9.59 -3.16
CA ASP A 23 -4.09 10.75 -4.04
C ASP A 23 -5.26 10.60 -5.02
N VAL A 24 -6.46 10.90 -4.56
CA VAL A 24 -7.66 10.84 -5.40
C VAL A 24 -7.68 11.99 -6.42
N ASP A 25 -6.75 12.93 -6.26
CA ASP A 25 -6.65 14.08 -7.15
C ASP A 25 -6.23 13.65 -8.56
N GLY A 26 -5.73 12.42 -8.69
CA GLY A 26 -5.31 11.93 -9.98
C GLY A 26 -3.84 12.19 -10.26
N ASP A 27 -2.99 11.91 -9.28
CA ASP A 27 -1.56 12.14 -9.41
C ASP A 27 -0.82 10.84 -9.72
N GLY A 28 -1.46 9.72 -9.42
CA GLY A 28 -0.86 8.42 -9.68
C GLY A 28 0.17 8.02 -8.62
N HIS A 29 0.57 8.98 -7.80
CA HIS A 29 1.55 8.74 -6.74
C HIS A 29 1.22 9.57 -5.50
N ILE A 30 1.90 9.25 -4.40
CA ILE A 30 1.69 9.96 -3.13
C ILE A 30 2.33 11.34 -3.17
N SER A 31 1.53 12.36 -2.86
CA SER A 31 2.00 13.73 -2.84
C SER A 31 2.16 14.25 -1.41
N GLN A 32 3.13 15.12 -1.21
CA GLN A 32 3.39 15.70 0.11
C GLN A 32 2.11 16.25 0.75
N GLU A 33 1.33 16.99 -0.04
CA GLU A 33 0.09 17.59 0.44
C GLU A 33 -0.92 16.51 0.85
N GLU A 34 -0.99 15.44 0.05
CA GLU A 34 -1.91 14.34 0.32
C GLU A 34 -1.56 13.67 1.65
N PHE A 35 -0.30 13.21 1.76
CA PHE A 35 0.18 12.57 2.97
C PHE A 35 0.08 13.52 4.16
N GLN A 36 0.19 14.82 3.88
CA GLN A 36 0.11 15.85 4.91
C GLN A 36 -1.25 15.83 5.61
N ILE A 37 -2.32 15.94 4.81
CA ILE A 37 -3.68 15.95 5.33
C ILE A 37 -4.10 14.56 5.83
N ILE A 38 -3.51 13.51 5.25
CA ILE A 38 -3.84 12.14 5.64
C ILE A 38 -3.35 11.85 7.06
N ARG A 39 -2.05 12.03 7.29
CA ARG A 39 -1.45 11.79 8.61
C ARG A 39 -2.25 12.45 9.73
N GLY A 40 -2.82 13.63 9.45
CA GLY A 40 -3.60 14.34 10.44
C GLY A 40 -4.85 13.60 10.86
N ASN A 41 -5.45 12.88 9.91
CA ASN A 41 -6.67 12.11 10.19
C ASN A 41 -6.37 10.62 10.31
N PHE A 42 -5.12 10.24 10.12
CA PHE A 42 -4.72 8.84 10.21
C PHE A 42 -3.52 8.67 11.14
N PRO A 43 -3.75 8.66 12.46
CA PRO A 43 -2.70 8.50 13.47
C PRO A 43 -2.20 7.05 13.57
N TYR A 44 -2.82 6.16 12.80
CA TYR A 44 -2.45 4.75 12.80
C TYR A 44 -1.74 4.37 11.50
N LEU A 45 -1.09 5.36 10.88
CA LEU A 45 -0.38 5.14 9.63
C LEU A 45 1.08 4.78 9.88
N SER A 46 1.68 4.01 8.96
CA SER A 46 3.07 3.60 9.08
C SER A 46 4.02 4.78 8.94
N ALA A 47 5.32 4.53 9.10
CA ALA A 47 6.34 5.56 8.99
C ALA A 47 6.83 5.71 7.57
N PHE A 48 7.29 6.91 7.22
CA PHE A 48 7.79 7.21 5.87
C PHE A 48 8.93 6.26 5.48
N GLY A 49 9.91 6.12 6.37
CA GLY A 49 11.05 5.27 6.10
C GLY A 49 10.71 3.79 6.06
N ASP A 50 9.54 3.42 6.59
CA ASP A 50 9.13 2.02 6.62
C ASP A 50 8.36 1.63 5.36
N LEU A 51 7.47 2.50 4.90
CA LEU A 51 6.68 2.22 3.69
C LEU A 51 7.53 2.44 2.44
N ASP A 52 8.50 3.35 2.55
CA ASP A 52 9.39 3.65 1.44
C ASP A 52 10.86 3.58 1.89
N GLN A 53 11.58 2.57 1.39
CA GLN A 53 12.98 2.37 1.76
C GLN A 53 13.85 3.52 1.24
N ASN A 54 13.45 4.11 0.12
CA ASN A 54 14.19 5.21 -0.47
C ASN A 54 13.96 6.52 0.29
N GLN A 55 12.95 6.52 1.16
CA GLN A 55 12.61 7.70 1.96
C GLN A 55 12.26 8.89 1.07
N ASP A 56 11.76 8.61 -0.13
CA ASP A 56 11.39 9.65 -1.08
C ASP A 56 10.09 10.36 -0.67
N GLY A 57 9.44 9.87 0.39
CA GLY A 57 8.19 10.45 0.83
C GLY A 57 7.09 10.22 -0.20
N CYS A 58 7.34 9.25 -1.08
CA CYS A 58 6.41 8.92 -2.14
C CYS A 58 6.27 7.41 -2.28
N ILE A 59 5.03 6.94 -2.33
CA ILE A 59 4.76 5.50 -2.45
C ILE A 59 4.55 5.11 -3.91
N SER A 60 5.39 4.19 -4.39
CA SER A 60 5.30 3.71 -5.76
C SER A 60 4.67 2.33 -5.81
N ARG A 61 4.37 1.85 -7.02
CA ARG A 61 3.76 0.53 -7.20
C ARG A 61 4.58 -0.55 -6.50
N GLU A 62 5.90 -0.48 -6.65
CA GLU A 62 6.81 -1.44 -6.02
C GLU A 62 6.74 -1.35 -4.49
N GLU A 63 6.41 -0.17 -3.97
CA GLU A 63 6.30 0.02 -2.54
C GLU A 63 5.05 -0.70 -1.99
N MET A 64 3.91 -0.47 -2.62
CA MET A 64 2.66 -1.12 -2.21
C MET A 64 2.67 -2.61 -2.54
N VAL A 65 3.07 -2.95 -3.77
CA VAL A 65 3.14 -4.35 -4.18
C VAL A 65 4.09 -5.13 -3.28
N SER A 66 5.32 -4.63 -3.16
CA SER A 66 6.32 -5.26 -2.30
C SER A 66 5.81 -5.35 -0.87
N TYR A 67 5.02 -4.36 -0.48
CA TYR A 67 4.41 -4.33 0.85
C TYR A 67 3.35 -5.42 1.00
N PHE A 68 2.68 -5.78 -0.11
CA PHE A 68 1.66 -6.81 -0.08
C PHE A 68 2.30 -8.19 0.02
N LEU A 69 3.40 -8.38 -0.72
CA LEU A 69 4.15 -9.62 -0.66
C LEU A 69 5.13 -9.61 0.51
N ARG A 70 5.41 -8.43 1.04
CA ARG A 70 6.29 -8.27 2.20
C ARG A 70 5.60 -8.73 3.48
N SER A 71 4.37 -8.26 3.66
CA SER A 71 3.58 -8.60 4.85
C SER A 71 2.88 -9.95 4.70
N SER A 72 3.37 -10.77 3.77
CA SER A 72 2.79 -12.08 3.52
C SER A 72 3.32 -13.11 4.52
N SER A 73 2.42 -13.73 5.27
CA SER A 73 2.79 -14.73 6.27
C SER A 73 2.03 -16.04 6.05
N VAL A 74 2.48 -16.83 5.09
CA VAL A 74 1.86 -18.11 4.77
C VAL A 74 2.24 -19.18 5.80
N LEU A 75 3.54 -19.46 5.90
CA LEU A 75 4.04 -20.45 6.85
C LEU A 75 5.39 -20.01 7.44
N GLY A 76 6.26 -19.50 6.58
CA GLY A 76 7.56 -19.05 7.03
C GLY A 76 8.70 -19.65 6.23
N GLY A 77 8.62 -19.51 4.91
CA GLY A 77 9.65 -20.04 4.04
C GLY A 77 9.68 -19.36 2.68
N ARG A 78 10.10 -20.09 1.66
CA ARG A 78 10.18 -19.55 0.31
C ARG A 78 9.43 -20.45 -0.68
N MET A 79 8.89 -19.85 -1.74
CA MET A 79 8.15 -20.58 -2.75
C MET A 79 9.01 -20.79 -4.00
N GLY A 80 8.82 -21.94 -4.66
CA GLY A 80 9.58 -22.24 -5.86
C GLY A 80 10.36 -23.53 -5.74
N PHE A 81 9.67 -24.65 -5.91
CA PHE A 81 10.29 -25.97 -5.82
C PHE A 81 10.54 -26.55 -7.21
N LYS A 1 -7.55 -24.37 0.25
CA LYS A 1 -8.00 -22.97 0.09
C LYS A 1 -9.52 -22.87 0.15
N LEU A 2 -10.02 -21.74 0.64
CA LEU A 2 -11.46 -21.51 0.75
C LEU A 2 -11.82 -20.06 0.42
N ASP A 3 -11.03 -19.13 0.97
CA ASP A 3 -11.26 -17.71 0.74
C ASP A 3 -10.41 -17.20 -0.43
N GLN A 4 -9.95 -18.13 -1.28
CA GLN A 4 -9.12 -17.80 -2.43
C GLN A 4 -9.70 -16.61 -3.22
N ALA A 5 -10.95 -16.76 -3.67
CA ALA A 5 -11.61 -15.72 -4.44
C ALA A 5 -11.90 -14.49 -3.59
N LEU A 6 -12.26 -14.72 -2.33
CA LEU A 6 -12.58 -13.64 -1.39
C LEU A 6 -11.41 -12.68 -1.23
N VAL A 7 -10.24 -13.23 -0.90
CA VAL A 7 -9.05 -12.43 -0.66
C VAL A 7 -8.36 -12.01 -1.94
N VAL A 8 -8.58 -12.76 -3.02
CA VAL A 8 -7.99 -12.41 -4.32
C VAL A 8 -8.55 -11.06 -4.76
N GLU A 9 -9.88 -10.94 -4.68
CA GLU A 9 -10.55 -9.70 -5.02
C GLU A 9 -10.29 -8.63 -3.96
N HIS A 10 -10.18 -9.07 -2.69
CA HIS A 10 -9.93 -8.14 -1.59
C HIS A 10 -8.50 -7.59 -1.65
N ILE A 11 -7.55 -8.45 -2.01
CA ILE A 11 -6.16 -8.04 -2.11
C ILE A 11 -5.96 -7.07 -3.26
N GLU A 12 -6.44 -7.46 -4.44
CA GLU A 12 -6.29 -6.61 -5.63
C GLU A 12 -6.96 -5.26 -5.40
N LYS A 13 -8.13 -5.29 -4.78
CA LYS A 13 -8.88 -4.08 -4.46
C LYS A 13 -8.20 -3.31 -3.34
N MET A 14 -7.42 -4.01 -2.51
CA MET A 14 -6.71 -3.38 -1.41
C MET A 14 -5.55 -2.55 -1.93
N VAL A 15 -4.76 -3.12 -2.84
CA VAL A 15 -3.62 -2.41 -3.42
C VAL A 15 -4.12 -1.22 -4.25
N GLU A 16 -5.22 -1.43 -4.96
CA GLU A 16 -5.83 -0.38 -5.76
C GLU A 16 -6.51 0.66 -4.87
N SER A 17 -7.00 0.21 -3.72
CA SER A 17 -7.69 1.09 -2.78
C SER A 17 -6.70 2.04 -2.10
N VAL A 18 -5.55 1.51 -1.72
CA VAL A 18 -4.51 2.32 -1.06
C VAL A 18 -3.78 3.21 -2.06
N PHE A 19 -3.49 2.65 -3.24
CA PHE A 19 -2.80 3.40 -4.29
C PHE A 19 -3.62 4.62 -4.71
N ARG A 20 -4.93 4.44 -4.83
CA ARG A 20 -5.81 5.55 -5.20
C ARG A 20 -6.18 6.38 -3.98
N ASN A 21 -6.19 5.74 -2.81
CA ASN A 21 -6.51 6.41 -1.55
C ASN A 21 -5.53 7.54 -1.26
N PHE A 22 -4.24 7.26 -1.46
CA PHE A 22 -3.19 8.24 -1.21
C PHE A 22 -2.84 9.02 -2.48
N ASP A 23 -3.51 8.70 -3.59
CA ASP A 23 -3.26 9.40 -4.84
C ASP A 23 -4.55 9.94 -5.45
N VAL A 24 -5.29 10.71 -4.64
CA VAL A 24 -6.54 11.32 -5.10
C VAL A 24 -6.27 12.49 -6.04
N ASP A 25 -5.02 12.95 -6.05
CA ASP A 25 -4.63 14.07 -6.91
C ASP A 25 -4.15 13.57 -8.28
N GLY A 26 -3.88 12.27 -8.38
CA GLY A 26 -3.43 11.68 -9.63
C GLY A 26 -2.08 12.21 -10.07
N ASP A 27 -1.06 12.01 -9.24
CA ASP A 27 0.29 12.47 -9.54
C ASP A 27 1.25 11.30 -9.71
N GLY A 28 0.78 10.09 -9.35
CA GLY A 28 1.63 8.91 -9.44
C GLY A 28 2.44 8.67 -8.20
N HIS A 29 2.49 9.69 -7.33
CA HIS A 29 3.23 9.60 -6.07
C HIS A 29 2.47 10.32 -4.96
N ILE A 30 2.75 9.94 -3.71
CA ILE A 30 2.08 10.53 -2.56
C ILE A 30 2.74 11.85 -2.16
N SER A 31 2.13 12.96 -2.57
CA SER A 31 2.65 14.29 -2.23
C SER A 31 2.53 14.56 -0.73
N GLN A 32 3.43 15.40 -0.21
CA GLN A 32 3.45 15.74 1.21
C GLN A 32 2.08 16.20 1.70
N GLU A 33 1.41 17.04 0.91
CA GLU A 33 0.08 17.56 1.28
C GLU A 33 -0.94 16.43 1.40
N GLU A 34 -0.87 15.47 0.48
CA GLU A 34 -1.79 14.33 0.50
C GLU A 34 -1.70 13.58 1.82
N PHE A 35 -0.48 13.14 2.15
CA PHE A 35 -0.23 12.42 3.40
C PHE A 35 -0.43 13.35 4.59
N GLN A 36 -0.31 14.64 4.35
CA GLN A 36 -0.48 15.65 5.40
C GLN A 36 -1.88 15.57 6.01
N ILE A 37 -2.89 15.65 5.15
CA ILE A 37 -4.28 15.60 5.59
C ILE A 37 -4.73 14.16 5.88
N ILE A 38 -4.18 13.20 5.15
CA ILE A 38 -4.53 11.80 5.35
C ILE A 38 -4.19 11.33 6.76
N ARG A 39 -2.98 11.65 7.22
CA ARG A 39 -2.53 11.27 8.56
C ARG A 39 -3.50 11.78 9.64
N GLY A 40 -4.15 12.90 9.37
CA GLY A 40 -5.09 13.47 10.32
C GLY A 40 -6.31 12.59 10.54
N ASN A 41 -6.71 11.86 9.50
CA ASN A 41 -7.87 10.98 9.59
C ASN A 41 -7.45 9.52 9.70
N PHE A 42 -6.17 9.25 9.47
CA PHE A 42 -5.64 7.89 9.55
C PHE A 42 -4.30 7.87 10.29
N PRO A 43 -4.33 7.92 11.64
CA PRO A 43 -3.13 7.90 12.47
C PRO A 43 -2.51 6.51 12.57
N TYR A 44 -3.09 5.55 11.86
CA TYR A 44 -2.60 4.17 11.87
C TYR A 44 -1.48 3.97 10.84
N LEU A 45 -1.06 5.06 10.22
CA LEU A 45 0.02 5.01 9.22
C LEU A 45 1.37 5.16 9.88
N SER A 46 2.36 4.42 9.37
CA SER A 46 3.72 4.47 9.89
C SER A 46 4.48 5.67 9.34
N ALA A 47 5.82 5.59 9.35
CA ALA A 47 6.66 6.69 8.86
C ALA A 47 6.86 6.61 7.36
N PHE A 48 7.01 7.78 6.73
CA PHE A 48 7.23 7.87 5.29
C PHE A 48 8.37 6.97 4.84
N GLY A 49 9.48 7.02 5.58
CA GLY A 49 10.64 6.21 5.24
C GLY A 49 10.37 4.71 5.36
N ASP A 50 9.32 4.35 6.09
CA ASP A 50 8.97 2.94 6.25
C ASP A 50 8.06 2.47 5.13
N LEU A 51 7.15 3.33 4.69
CA LEU A 51 6.25 2.99 3.59
C LEU A 51 7.03 2.88 2.28
N ASP A 52 8.05 3.72 2.16
CA ASP A 52 8.90 3.73 0.97
C ASP A 52 10.35 3.43 1.36
N GLN A 53 10.87 2.31 0.84
CA GLN A 53 12.25 1.90 1.14
C GLN A 53 13.26 2.90 0.59
N ASN A 54 12.89 3.61 -0.47
CA ASN A 54 13.77 4.59 -1.10
C ASN A 54 13.82 5.88 -0.29
N GLN A 55 12.94 6.00 0.71
CA GLN A 55 12.87 7.18 1.56
C GLN A 55 12.70 8.46 0.74
N ASP A 56 11.94 8.36 -0.35
CA ASP A 56 11.69 9.49 -1.23
C ASP A 56 10.47 10.29 -0.77
N GLY A 57 9.84 9.86 0.33
CA GLY A 57 8.65 10.53 0.80
C GLY A 57 7.50 10.39 -0.17
N CYS A 58 7.68 9.47 -1.12
CA CYS A 58 6.70 9.22 -2.15
C CYS A 58 6.52 7.72 -2.38
N ILE A 59 5.27 7.26 -2.39
CA ILE A 59 4.98 5.84 -2.59
C ILE A 59 4.39 5.59 -3.98
N SER A 60 4.98 4.63 -4.68
CA SER A 60 4.52 4.26 -6.02
C SER A 60 3.74 2.95 -5.98
N ARG A 61 3.28 2.50 -7.15
CA ARG A 61 2.53 1.26 -7.27
C ARG A 61 3.39 0.06 -6.85
N GLU A 62 4.61 0.00 -7.36
CA GLU A 62 5.53 -1.09 -7.05
C GLU A 62 5.84 -1.13 -5.54
N GLU A 63 5.89 0.03 -4.90
CA GLU A 63 6.14 0.09 -3.46
C GLU A 63 4.99 -0.53 -2.68
N MET A 64 3.75 -0.19 -3.06
CA MET A 64 2.57 -0.74 -2.41
C MET A 64 2.41 -2.23 -2.75
N VAL A 65 2.52 -2.57 -4.02
CA VAL A 65 2.41 -3.95 -4.46
C VAL A 65 3.46 -4.83 -3.80
N SER A 66 4.73 -4.44 -3.97
CA SER A 66 5.84 -5.18 -3.38
C SER A 66 5.65 -5.33 -1.87
N TYR A 67 5.14 -4.27 -1.24
CA TYR A 67 4.87 -4.30 0.20
C TYR A 67 3.68 -5.19 0.53
N PHE A 68 2.78 -5.39 -0.43
CA PHE A 68 1.61 -6.25 -0.21
C PHE A 68 2.03 -7.72 -0.22
N LEU A 69 2.87 -8.09 -1.18
CA LEU A 69 3.40 -9.44 -1.27
C LEU A 69 4.63 -9.59 -0.37
N ARG A 70 5.23 -8.47 0.03
CA ARG A 70 6.37 -8.49 0.93
C ARG A 70 5.94 -8.88 2.34
N SER A 71 4.89 -8.21 2.84
CA SER A 71 4.37 -8.47 4.18
C SER A 71 3.40 -9.67 4.18
N SER A 72 3.50 -10.50 3.15
CA SER A 72 2.64 -11.68 3.02
C SER A 72 3.18 -12.83 3.88
N SER A 73 2.28 -13.47 4.63
CA SER A 73 2.66 -14.58 5.49
C SER A 73 2.38 -15.93 4.81
N VAL A 74 1.29 -15.98 4.05
CA VAL A 74 0.91 -17.21 3.34
C VAL A 74 0.19 -16.87 2.04
N LEU A 75 0.97 -16.63 0.99
CA LEU A 75 0.41 -16.30 -0.31
C LEU A 75 0.93 -17.26 -1.39
N GLY A 76 2.23 -17.53 -1.36
CA GLY A 76 2.84 -18.42 -2.33
C GLY A 76 4.00 -17.79 -3.07
N GLY A 77 4.84 -18.63 -3.66
CA GLY A 77 5.99 -18.12 -4.39
C GLY A 77 5.76 -18.10 -5.89
N ARG A 78 6.77 -17.65 -6.64
CA ARG A 78 6.67 -17.57 -8.09
C ARG A 78 7.39 -18.75 -8.75
N MET A 79 8.55 -19.11 -8.21
CA MET A 79 9.33 -20.23 -8.74
C MET A 79 9.42 -21.37 -7.73
N GLY A 80 9.11 -22.57 -8.18
CA GLY A 80 9.16 -23.74 -7.30
C GLY A 80 7.87 -24.54 -7.35
N PHE A 81 7.93 -25.68 -8.02
CA PHE A 81 6.77 -26.57 -8.14
C PHE A 81 6.88 -27.75 -7.19
N LYS A 1 -11.09 -24.05 3.78
CA LYS A 1 -11.24 -23.01 2.74
C LYS A 1 -9.91 -22.32 2.46
N LEU A 2 -9.73 -21.85 1.23
CA LEU A 2 -8.50 -21.16 0.84
C LEU A 2 -8.77 -19.67 0.62
N ASP A 3 -10.02 -19.32 0.35
CA ASP A 3 -10.42 -17.93 0.12
C ASP A 3 -9.64 -17.32 -1.06
N GLN A 4 -9.25 -18.18 -2.01
CA GLN A 4 -8.50 -17.74 -3.18
C GLN A 4 -9.15 -16.53 -3.86
N ALA A 5 -10.41 -16.68 -4.26
CA ALA A 5 -11.13 -15.61 -4.94
C ALA A 5 -11.41 -14.43 -4.01
N LEU A 6 -11.73 -14.76 -2.76
CA LEU A 6 -12.04 -13.74 -1.74
C LEU A 6 -10.89 -12.75 -1.56
N VAL A 7 -9.70 -13.30 -1.29
CA VAL A 7 -8.53 -12.47 -1.01
C VAL A 7 -7.87 -11.98 -2.30
N VAL A 8 -8.09 -12.67 -3.41
CA VAL A 8 -7.53 -12.22 -4.69
C VAL A 8 -8.15 -10.88 -5.06
N GLU A 9 -9.47 -10.81 -4.96
CA GLU A 9 -10.18 -9.57 -5.22
C GLU A 9 -9.95 -8.55 -4.11
N HIS A 10 -9.80 -9.04 -2.87
CA HIS A 10 -9.56 -8.17 -1.73
C HIS A 10 -8.16 -7.56 -1.78
N ILE A 11 -7.18 -8.38 -2.19
CA ILE A 11 -5.81 -7.91 -2.29
C ILE A 11 -5.66 -6.87 -3.40
N GLU A 12 -6.13 -7.23 -4.60
CA GLU A 12 -6.03 -6.34 -5.74
C GLU A 12 -6.73 -5.01 -5.43
N LYS A 13 -7.90 -5.12 -4.80
CA LYS A 13 -8.69 -3.95 -4.43
C LYS A 13 -8.02 -3.20 -3.27
N MET A 14 -7.21 -3.92 -2.48
CA MET A 14 -6.51 -3.30 -1.36
C MET A 14 -5.38 -2.39 -1.86
N VAL A 15 -4.58 -2.89 -2.79
CA VAL A 15 -3.49 -2.10 -3.36
C VAL A 15 -4.04 -0.92 -4.15
N GLU A 16 -5.15 -1.16 -4.86
CA GLU A 16 -5.82 -0.12 -5.62
C GLU A 16 -6.53 0.86 -4.68
N SER A 17 -6.98 0.36 -3.54
CA SER A 17 -7.70 1.16 -2.56
C SER A 17 -6.76 2.17 -1.89
N VAL A 18 -5.56 1.70 -1.54
CA VAL A 18 -4.57 2.56 -0.90
C VAL A 18 -3.92 3.49 -1.91
N PHE A 19 -3.63 2.96 -3.11
CA PHE A 19 -3.01 3.74 -4.17
C PHE A 19 -3.89 4.95 -4.52
N ARG A 20 -5.19 4.73 -4.62
CA ARG A 20 -6.13 5.80 -4.92
C ARG A 20 -6.51 6.57 -3.65
N ASN A 21 -6.41 5.90 -2.50
CA ASN A 21 -6.69 6.52 -1.22
C ASN A 21 -5.76 7.71 -0.99
N PHE A 22 -4.50 7.56 -1.38
CA PHE A 22 -3.50 8.61 -1.23
C PHE A 22 -3.37 9.45 -2.49
N ASP A 23 -3.95 8.97 -3.60
CA ASP A 23 -3.87 9.71 -4.87
C ASP A 23 -5.20 10.38 -5.21
N VAL A 24 -5.71 11.18 -4.27
CA VAL A 24 -6.97 11.91 -4.49
C VAL A 24 -6.81 12.99 -5.56
N ASP A 25 -5.58 13.19 -6.01
CA ASP A 25 -5.30 14.20 -7.04
C ASP A 25 -5.30 13.59 -8.43
N GLY A 26 -5.25 12.26 -8.49
CA GLY A 26 -5.26 11.57 -9.78
C GLY A 26 -4.00 11.80 -10.58
N ASP A 27 -2.85 11.65 -9.91
CA ASP A 27 -1.56 11.84 -10.56
C ASP A 27 -0.81 10.52 -10.73
N GLY A 28 -1.23 9.51 -9.96
CA GLY A 28 -0.58 8.20 -10.03
C GLY A 28 0.55 8.07 -9.02
N HIS A 29 0.85 9.17 -8.33
CA HIS A 29 1.92 9.19 -7.32
C HIS A 29 1.53 10.07 -6.14
N ILE A 30 2.14 9.81 -4.99
CA ILE A 30 1.86 10.56 -3.78
C ILE A 30 2.63 11.88 -3.75
N SER A 31 1.95 12.94 -3.35
CA SER A 31 2.55 14.27 -3.27
C SER A 31 2.83 14.65 -1.83
N GLN A 32 3.88 15.45 -1.63
CA GLN A 32 4.26 15.89 -0.28
C GLN A 32 3.07 16.42 0.51
N GLU A 33 2.26 17.27 -0.13
CA GLU A 33 1.08 17.85 0.51
C GLU A 33 0.05 16.77 0.86
N GLU A 34 -0.11 15.80 -0.04
CA GLU A 34 -1.05 14.71 0.16
C GLU A 34 -0.71 13.94 1.45
N PHE A 35 0.51 13.40 1.48
CA PHE A 35 0.98 12.65 2.64
C PHE A 35 1.06 13.54 3.87
N GLN A 36 1.24 14.84 3.63
CA GLN A 36 1.34 15.83 4.71
C GLN A 36 0.08 15.84 5.56
N ILE A 37 -1.06 16.07 4.92
CA ILE A 37 -2.35 16.12 5.60
C ILE A 37 -2.88 14.73 5.94
N ILE A 38 -2.55 13.74 5.11
CA ILE A 38 -3.00 12.37 5.32
C ILE A 38 -2.46 11.80 6.63
N ARG A 39 -1.16 11.99 6.88
CA ARG A 39 -0.52 11.50 8.10
C ARG A 39 -1.26 11.96 9.36
N GLY A 40 -1.92 13.12 9.26
CA GLY A 40 -2.66 13.65 10.39
C GLY A 40 -3.97 12.91 10.63
N ASN A 41 -4.50 12.30 9.57
CA ASN A 41 -5.75 11.55 9.67
C ASN A 41 -5.57 10.25 10.45
N PHE A 42 -4.65 9.40 9.99
CA PHE A 42 -4.40 8.12 10.65
C PHE A 42 -2.91 7.75 10.58
N PRO A 43 -2.17 8.01 11.68
CA PRO A 43 -0.72 7.70 11.76
C PRO A 43 -0.46 6.20 11.93
N TYR A 44 -1.52 5.41 11.90
CA TYR A 44 -1.41 3.96 12.08
C TYR A 44 -1.75 3.21 10.80
N LEU A 45 -2.54 3.84 9.94
CA LEU A 45 -2.96 3.24 8.68
C LEU A 45 -1.76 2.84 7.82
N SER A 46 -0.89 3.81 7.53
CA SER A 46 0.29 3.57 6.71
C SER A 46 1.52 4.22 7.32
N ALA A 47 2.44 3.40 7.85
CA ALA A 47 3.67 3.89 8.45
C ALA A 47 4.69 4.27 7.38
N PHE A 48 4.87 5.58 7.20
CA PHE A 48 5.80 6.11 6.18
C PHE A 48 7.10 5.30 6.12
N GLY A 49 7.62 4.93 7.29
CA GLY A 49 8.85 4.17 7.35
C GLY A 49 8.77 2.82 6.64
N ASP A 50 7.61 2.18 6.74
CA ASP A 50 7.42 0.86 6.13
C ASP A 50 6.90 0.95 4.69
N LEU A 51 6.26 2.07 4.33
CA LEU A 51 5.74 2.23 2.97
C LEU A 51 6.84 2.76 2.04
N ASP A 52 7.59 3.74 2.53
CA ASP A 52 8.67 4.35 1.74
C ASP A 52 9.96 4.40 2.54
N GLN A 53 10.94 3.59 2.12
CA GLN A 53 12.25 3.55 2.78
C GLN A 53 13.17 4.63 2.21
N ASN A 54 12.80 5.17 1.05
CA ASN A 54 13.59 6.22 0.39
C ASN A 54 13.32 7.58 1.04
N GLN A 55 12.27 7.66 1.86
CA GLN A 55 11.90 8.90 2.54
C GLN A 55 11.59 10.03 1.56
N ASP A 56 11.19 9.65 0.34
CA ASP A 56 10.86 10.63 -0.70
C ASP A 56 9.50 11.27 -0.45
N GLY A 57 8.80 10.82 0.60
CA GLY A 57 7.49 11.35 0.89
C GLY A 57 6.49 10.98 -0.18
N CYS A 58 6.89 10.03 -1.03
CA CYS A 58 6.06 9.58 -2.14
C CYS A 58 6.02 8.05 -2.20
N ILE A 59 4.82 7.49 -2.30
CA ILE A 59 4.67 6.04 -2.36
C ILE A 59 4.37 5.58 -3.80
N SER A 60 5.19 4.67 -4.30
CA SER A 60 5.03 4.14 -5.64
C SER A 60 4.40 2.75 -5.61
N ARG A 61 3.96 2.26 -6.77
CA ARG A 61 3.34 0.94 -6.88
C ARG A 61 4.24 -0.13 -6.27
N GLU A 62 5.54 -0.06 -6.58
CA GLU A 62 6.51 -1.01 -6.06
C GLU A 62 6.55 -1.00 -4.53
N GLU A 63 6.33 0.17 -3.93
CA GLU A 63 6.33 0.28 -2.47
C GLU A 63 5.15 -0.49 -1.85
N MET A 64 3.94 -0.20 -2.31
CA MET A 64 2.74 -0.87 -1.79
C MET A 64 2.69 -2.33 -2.24
N VAL A 65 2.89 -2.56 -3.55
CA VAL A 65 2.86 -3.92 -4.07
C VAL A 65 3.93 -4.80 -3.41
N SER A 66 5.19 -4.36 -3.49
CA SER A 66 6.29 -5.09 -2.88
C SER A 66 6.04 -5.33 -1.40
N TYR A 67 5.42 -4.34 -0.75
CA TYR A 67 5.08 -4.44 0.66
C TYR A 67 3.96 -5.46 0.89
N PHE A 68 3.12 -5.67 -0.12
CA PHE A 68 2.03 -6.63 0.00
C PHE A 68 2.56 -8.06 -0.12
N LEU A 69 3.44 -8.29 -1.09
CA LEU A 69 4.07 -9.60 -1.26
C LEU A 69 5.28 -9.75 -0.33
N ARG A 70 5.76 -8.63 0.20
CA ARG A 70 6.88 -8.65 1.14
C ARG A 70 6.44 -9.11 2.52
N SER A 71 5.37 -8.51 3.04
CA SER A 71 4.85 -8.83 4.37
C SER A 71 3.88 -10.02 4.33
N SER A 72 2.89 -9.95 3.44
CA SER A 72 1.89 -11.01 3.33
C SER A 72 2.50 -12.30 2.80
N SER A 73 1.88 -13.42 3.18
CA SER A 73 2.36 -14.73 2.76
C SER A 73 1.58 -15.23 1.54
N VAL A 74 1.80 -14.59 0.39
CA VAL A 74 1.12 -14.97 -0.84
C VAL A 74 1.43 -16.41 -1.23
N LEU A 75 2.71 -16.69 -1.49
CA LEU A 75 3.16 -18.03 -1.87
C LEU A 75 4.50 -18.36 -1.25
N GLY A 76 5.43 -17.41 -1.31
CA GLY A 76 6.76 -17.62 -0.76
C GLY A 76 7.01 -16.78 0.48
N GLY A 77 7.86 -17.27 1.37
CA GLY A 77 8.18 -16.54 2.59
C GLY A 77 9.66 -16.24 2.71
N ARG A 78 10.49 -17.25 2.46
CA ARG A 78 11.94 -17.09 2.55
C ARG A 78 12.55 -16.86 1.17
N MET A 79 12.06 -17.62 0.18
CA MET A 79 12.56 -17.50 -1.18
C MET A 79 11.59 -16.70 -2.05
N GLY A 80 12.12 -16.02 -3.05
CA GLY A 80 11.30 -15.22 -3.94
C GLY A 80 12.12 -14.25 -4.77
N PHE A 81 12.27 -14.56 -6.05
CA PHE A 81 13.04 -13.70 -6.96
C PHE A 81 12.10 -12.87 -7.83
N LYS A 1 -13.46 -25.41 1.47
CA LYS A 1 -13.67 -23.96 1.26
C LYS A 1 -12.35 -23.23 1.06
N LEU A 2 -12.28 -22.42 0.02
CA LEU A 2 -11.07 -21.67 -0.29
C LEU A 2 -11.38 -20.18 -0.51
N ASP A 3 -10.54 -19.32 0.06
CA ASP A 3 -10.72 -17.87 -0.06
C ASP A 3 -9.87 -17.31 -1.20
N GLN A 4 -9.39 -18.21 -2.07
CA GLN A 4 -8.55 -17.82 -3.21
C GLN A 4 -9.15 -16.63 -3.96
N ALA A 5 -10.38 -16.78 -4.43
CA ALA A 5 -11.06 -15.72 -5.18
C ALA A 5 -11.38 -14.52 -4.29
N LEU A 6 -11.75 -14.82 -3.03
CA LEU A 6 -12.09 -13.79 -2.06
C LEU A 6 -10.95 -12.79 -1.85
N VAL A 7 -9.78 -13.33 -1.52
CA VAL A 7 -8.62 -12.50 -1.23
C VAL A 7 -7.92 -12.03 -2.50
N VAL A 8 -8.08 -12.76 -3.60
CA VAL A 8 -7.48 -12.36 -4.87
C VAL A 8 -8.06 -11.02 -5.28
N GLU A 9 -9.39 -10.93 -5.24
CA GLU A 9 -10.08 -9.70 -5.57
C GLU A 9 -9.89 -8.66 -4.46
N HIS A 10 -9.81 -9.12 -3.21
CA HIS A 10 -9.62 -8.23 -2.08
C HIS A 10 -8.22 -7.63 -2.07
N ILE A 11 -7.22 -8.45 -2.43
CA ILE A 11 -5.84 -8.00 -2.47
C ILE A 11 -5.65 -6.99 -3.59
N GLU A 12 -6.03 -7.36 -4.81
CA GLU A 12 -5.88 -6.48 -5.95
C GLU A 12 -6.60 -5.16 -5.71
N LYS A 13 -7.80 -5.26 -5.13
CA LYS A 13 -8.60 -4.09 -4.81
C LYS A 13 -7.98 -3.32 -3.65
N MET A 14 -7.21 -4.01 -2.81
CA MET A 14 -6.55 -3.37 -1.67
C MET A 14 -5.41 -2.48 -2.14
N VAL A 15 -4.57 -3.00 -3.05
CA VAL A 15 -3.46 -2.23 -3.58
C VAL A 15 -3.98 -1.02 -4.36
N GLU A 16 -5.04 -1.24 -5.14
CA GLU A 16 -5.67 -0.19 -5.92
C GLU A 16 -6.45 0.77 -5.01
N SER A 17 -6.96 0.24 -3.89
CA SER A 17 -7.74 1.03 -2.95
C SER A 17 -6.86 2.05 -2.24
N VAL A 18 -5.67 1.62 -1.81
CA VAL A 18 -4.74 2.50 -1.11
C VAL A 18 -4.06 3.44 -2.08
N PHE A 19 -3.65 2.91 -3.23
CA PHE A 19 -2.99 3.71 -4.26
C PHE A 19 -3.85 4.90 -4.67
N ARG A 20 -5.14 4.65 -4.86
CA ARG A 20 -6.07 5.71 -5.24
C ARG A 20 -6.59 6.45 -4.01
N ASN A 21 -6.56 5.77 -2.86
CA ASN A 21 -6.99 6.38 -1.60
C ASN A 21 -6.16 7.61 -1.29
N PHE A 22 -4.85 7.51 -1.54
CA PHE A 22 -3.93 8.61 -1.28
C PHE A 22 -3.68 9.45 -2.52
N ASP A 23 -4.08 8.94 -3.70
CA ASP A 23 -3.88 9.68 -4.94
C ASP A 23 -5.19 10.26 -5.45
N VAL A 24 -5.87 11.03 -4.59
CA VAL A 24 -7.13 11.67 -4.96
C VAL A 24 -6.91 12.83 -5.94
N ASP A 25 -5.66 13.27 -6.04
CA ASP A 25 -5.30 14.37 -6.95
C ASP A 25 -5.16 13.89 -8.39
N GLY A 26 -5.07 12.56 -8.56
CA GLY A 26 -4.92 11.99 -9.89
C GLY A 26 -3.55 12.24 -10.48
N ASP A 27 -2.52 12.00 -9.67
CA ASP A 27 -1.14 12.22 -10.10
C ASP A 27 -0.43 10.90 -10.38
N GLY A 28 -0.99 9.81 -9.84
CA GLY A 28 -0.38 8.49 -10.03
C GLY A 28 0.62 8.16 -8.93
N HIS A 29 0.94 9.15 -8.11
CA HIS A 29 1.89 8.97 -7.01
C HIS A 29 1.50 9.82 -5.81
N ILE A 30 2.05 9.48 -4.64
CA ILE A 30 1.75 10.22 -3.42
C ILE A 30 2.52 11.53 -3.36
N SER A 31 1.82 12.59 -2.97
CA SER A 31 2.43 13.91 -2.87
C SER A 31 2.64 14.29 -1.41
N GLN A 32 3.69 15.07 -1.14
CA GLN A 32 4.01 15.52 0.22
C GLN A 32 2.78 16.06 0.93
N GLU A 33 2.03 16.94 0.25
CA GLU A 33 0.84 17.55 0.83
C GLU A 33 -0.24 16.51 1.11
N GLU A 34 -0.37 15.53 0.21
CA GLU A 34 -1.36 14.47 0.36
C GLU A 34 -1.16 13.72 1.66
N PHE A 35 0.02 13.09 1.80
CA PHE A 35 0.37 12.34 3.00
C PHE A 35 0.49 13.27 4.20
N GLN A 36 0.74 14.55 3.93
CA GLN A 36 0.88 15.56 4.98
C GLN A 36 -0.40 15.69 5.80
N ILE A 37 -1.51 15.97 5.12
CA ILE A 37 -2.80 16.14 5.77
C ILE A 37 -3.43 14.80 6.15
N ILE A 38 -3.20 13.77 5.33
CA ILE A 38 -3.75 12.44 5.60
C ILE A 38 -3.21 11.88 6.91
N ARG A 39 -1.89 11.90 7.08
CA ARG A 39 -1.27 11.39 8.30
C ARG A 39 -1.79 12.11 9.54
N GLY A 40 -2.17 13.37 9.38
CA GLY A 40 -2.69 14.14 10.49
C GLY A 40 -4.07 13.69 10.94
N ASN A 41 -4.87 13.24 9.98
CA ASN A 41 -6.22 12.76 10.28
C ASN A 41 -6.23 11.27 10.58
N PHE A 42 -5.20 10.56 10.10
CA PHE A 42 -5.10 9.12 10.32
C PHE A 42 -3.87 8.78 11.17
N PRO A 43 -4.00 8.87 12.50
CA PRO A 43 -2.90 8.56 13.44
C PRO A 43 -2.57 7.07 13.48
N TYR A 44 -3.43 6.25 12.87
CA TYR A 44 -3.23 4.81 12.85
C TYR A 44 -2.56 4.37 11.55
N LEU A 45 -1.81 5.29 10.93
CA LEU A 45 -1.12 5.00 9.68
C LEU A 45 0.34 4.65 9.93
N SER A 46 0.92 3.84 9.03
CA SER A 46 2.31 3.42 9.15
C SER A 46 3.26 4.60 9.04
N ALA A 47 4.55 4.34 9.23
CA ALA A 47 5.57 5.39 9.16
C ALA A 47 6.06 5.59 7.73
N PHE A 48 6.44 6.83 7.41
CA PHE A 48 6.93 7.18 6.08
C PHE A 48 8.09 6.29 5.66
N GLY A 49 9.06 6.13 6.55
CA GLY A 49 10.23 5.32 6.25
C GLY A 49 9.93 3.84 6.18
N ASP A 50 8.77 3.42 6.71
CA ASP A 50 8.41 2.00 6.71
C ASP A 50 7.64 1.61 5.45
N LEU A 51 6.78 2.51 4.96
CA LEU A 51 6.01 2.23 3.75
C LEU A 51 6.85 2.52 2.50
N ASP A 52 7.77 3.48 2.61
CA ASP A 52 8.65 3.83 1.52
C ASP A 52 10.11 3.79 1.98
N GLN A 53 10.86 2.78 1.51
CA GLN A 53 12.25 2.62 1.89
C GLN A 53 13.13 3.72 1.29
N ASN A 54 12.64 4.34 0.22
CA ASN A 54 13.38 5.41 -0.45
C ASN A 54 13.29 6.72 0.34
N GLN A 55 12.37 6.77 1.29
CA GLN A 55 12.17 7.95 2.14
C GLN A 55 11.86 9.19 1.29
N ASP A 56 11.29 8.97 0.11
CA ASP A 56 10.95 10.06 -0.80
C ASP A 56 9.63 10.72 -0.42
N GLY A 57 9.01 10.23 0.65
CA GLY A 57 7.72 10.77 1.07
C GLY A 57 6.65 10.49 0.04
N CYS A 58 6.95 9.55 -0.86
CA CYS A 58 6.05 9.18 -1.93
C CYS A 58 6.03 7.66 -2.12
N ILE A 59 4.83 7.09 -2.18
CA ILE A 59 4.69 5.64 -2.35
C ILE A 59 4.24 5.30 -3.77
N SER A 60 4.98 4.41 -4.42
CA SER A 60 4.67 3.99 -5.77
C SER A 60 4.02 2.61 -5.80
N ARG A 61 3.65 2.15 -6.99
CA ARG A 61 3.02 0.84 -7.15
C ARG A 61 3.93 -0.28 -6.63
N GLU A 62 5.20 -0.23 -7.03
CA GLU A 62 6.18 -1.23 -6.61
C GLU A 62 6.33 -1.25 -5.08
N GLU A 63 6.17 -0.10 -4.44
CA GLU A 63 6.27 -0.02 -2.99
C GLU A 63 5.12 -0.78 -2.32
N MET A 64 3.89 -0.51 -2.76
CA MET A 64 2.72 -1.20 -2.21
C MET A 64 2.70 -2.66 -2.64
N VAL A 65 2.92 -2.92 -3.92
CA VAL A 65 2.93 -4.30 -4.43
C VAL A 65 4.04 -5.11 -3.77
N SER A 66 5.27 -4.59 -3.83
CA SER A 66 6.42 -5.25 -3.22
C SER A 66 6.12 -5.60 -1.76
N TYR A 67 5.57 -4.64 -1.04
CA TYR A 67 5.20 -4.81 0.36
C TYR A 67 4.03 -5.76 0.53
N PHE A 68 3.22 -5.93 -0.52
CA PHE A 68 2.08 -6.84 -0.45
C PHE A 68 2.56 -8.29 -0.50
N LEU A 69 3.47 -8.58 -1.43
CA LEU A 69 4.06 -9.91 -1.55
C LEU A 69 5.23 -10.06 -0.58
N ARG A 70 5.74 -8.94 -0.08
CA ARG A 70 6.85 -8.95 0.87
C ARG A 70 6.39 -9.39 2.27
N SER A 71 5.35 -8.73 2.78
CA SER A 71 4.83 -9.03 4.12
C SER A 71 3.70 -10.05 4.08
N SER A 72 2.66 -9.76 3.29
CA SER A 72 1.51 -10.65 3.19
C SER A 72 1.90 -12.03 2.68
N SER A 73 1.15 -13.04 3.11
CA SER A 73 1.42 -14.43 2.73
C SER A 73 0.52 -14.85 1.57
N VAL A 74 0.70 -14.21 0.42
CA VAL A 74 -0.09 -14.53 -0.78
C VAL A 74 0.14 -15.98 -1.21
N LEU A 75 1.40 -16.34 -1.42
CA LEU A 75 1.74 -17.69 -1.83
C LEU A 75 3.01 -18.18 -1.12
N GLY A 76 4.01 -17.31 -1.02
CA GLY A 76 5.24 -17.66 -0.36
C GLY A 76 6.36 -17.99 -1.34
N GLY A 77 6.63 -17.05 -2.25
CA GLY A 77 7.67 -17.25 -3.24
C GLY A 77 8.30 -15.95 -3.70
N ARG A 78 8.48 -15.81 -5.01
CA ARG A 78 9.08 -14.60 -5.57
C ARG A 78 8.19 -14.01 -6.66
N MET A 79 8.20 -12.69 -6.77
CA MET A 79 7.39 -11.99 -7.78
C MET A 79 8.28 -11.40 -8.88
N GLY A 80 9.40 -10.82 -8.47
CA GLY A 80 10.32 -10.23 -9.43
C GLY A 80 11.75 -10.22 -8.93
N PHE A 81 12.21 -9.07 -8.45
CA PHE A 81 13.57 -8.93 -7.94
C PHE A 81 13.59 -8.96 -6.42
#